data_5KMG
#
_entry.id   5KMG
#
loop_
_entity.id
_entity.type
_entity.pdbx_description
1 polymer 'Tubulin alpha-1B chain'
2 polymer 'Tubulin beta chain'
3 polymer 'Protein regulator of cytokinesis 1'
4 non-polymer "GUANOSINE-5'-TRIPHOSPHATE"
5 non-polymer 'MAGNESIUM ION'
6 non-polymer "GUANOSINE-5'-DIPHOSPHATE"
7 non-polymer 'Peloruside A'
#
loop_
_entity_poly.entity_id
_entity_poly.type
_entity_poly.pdbx_seq_one_letter_code
_entity_poly.pdbx_strand_id
1 'polypeptide(L)'
;MRECISIHVGQAGVQIGNACWELYCLEHGIQPDGQMPSDKTIGGGDDSFNTFFSETGAGKHVPRAVFVDLEPTVIDEVRT
GTYRQLFHPEQLITGKEDAANNYARGHYTIGKEIIDLVLDRIRKLADQCTGLQGFLVFHSFGGGTGSGFTSLLMERLSVD
YGKKSKLEFSIYPAPQVSTAVVEPYNSILTTHTTLEHSDCAFMVDNEAIYDICRRNLDIERPTYTNLNRLISQIVSSITA
SLRFDGALNVDLTEFQTNLVPYPRIHFPLATYAPVISAEKAYHEQLSVAEITNACFEPANQMVKCDPRHGKYMACCLLYR
GDVVPKDVNAAIATIKTKRSIQFVDWCPTGFKVGINYQPPTVVPGGDLAKVQRAVCMLSNTTAIAEAWARLDHKFDLMYA
KRAFVHWYVGEGMEEGEFSEAREDMAALEKDYEEVGVDSVE
;
A
2 'polypeptide(L)'
;MREIVHIQAGQCGNQIGAKFWEVISDEHGIDPTGSYHGDSDLQLERINVYYNEAAGNKYVPRAILVDLEPGTMDSVRSGP
FGQIFRPDNFVFGQSGAGNNWAKGHYTEGAELVDSVLDVVRKESESCDCLQGFQLTHSLGGGTGSGMGTLLISKIREEYP
DRIMNTFSVVPSPKVSDTVVEPYNATLSVHQLVENTDETYCIDNEALYDICFRTLKLTTPTYGDLNHLVSATMSGVTTCL
RFPGQLNADLRKLAVNMVPFPRLHFFMPGFAPLTSRGSQQYRALTVPELTQQMFDAKNMMAACDPRHGRYLTVAAVFRGR
MSMKEVDEQMLNVQNKNSSYFVEWIPNNVKTAVCDIPPRGLKMSATFIGNSTAIQELFKRISEQFTAMFRRKAFLHWYTG
EGMDEMEFTEAESNMNDLVSEYQQYQDATAD
;
B
3 'polypeptide(L)'
;GAAALKNYYEVHKELFEGVQKWEETWRLFLEFERKASDPNRFTNRGGNLLKEEKQRAKLQKMLPKLEEELKARIELWEQE
HSKAFMVNGQKFMEYVAEQWEMHRLEKERAKQERQLKNKKQTETEMLY
;
P
#
# COMPACT_ATOMS: atom_id res chain seq x y z
N MET A 1 38.98 -13.36 -4.43
CA MET A 1 37.82 -14.01 -5.05
C MET A 1 36.69 -13.03 -5.25
N ARG A 2 35.88 -13.28 -6.26
CA ARG A 2 34.78 -12.40 -6.57
C ARG A 2 33.62 -12.70 -5.66
N GLU A 3 33.25 -11.74 -4.83
CA GLU A 3 32.18 -11.99 -3.88
C GLU A 3 31.03 -11.05 -4.05
N CYS A 4 29.85 -11.51 -3.65
CA CYS A 4 28.64 -10.74 -3.83
C CYS A 4 27.68 -10.83 -2.66
N ILE A 5 27.13 -9.70 -2.26
CA ILE A 5 26.19 -9.67 -1.14
C ILE A 5 24.79 -9.40 -1.59
N SER A 6 23.88 -10.30 -1.24
CA SER A 6 22.49 -10.11 -1.61
C SER A 6 21.69 -9.52 -0.48
N ILE A 7 20.78 -8.64 -0.80
CA ILE A 7 19.94 -8.04 0.20
C ILE A 7 18.49 -8.16 -0.19
N HIS A 8 17.70 -8.67 0.72
CA HIS A 8 16.31 -8.92 0.43
C HIS A 8 15.45 -8.09 1.33
N VAL A 9 14.65 -7.22 0.74
CA VAL A 9 13.87 -6.29 1.54
C VAL A 9 12.38 -6.40 1.28
N GLY A 10 11.62 -6.60 2.35
CA GLY A 10 10.17 -6.60 2.28
C GLY A 10 9.62 -7.96 1.88
N GLN A 11 8.29 -8.08 1.88
CA GLN A 11 7.62 -9.31 1.51
C GLN A 11 8.17 -9.89 0.26
N ALA A 12 8.15 -9.10 -0.80
CA ALA A 12 8.61 -9.57 -2.08
C ALA A 12 10.06 -9.89 -2.06
N GLY A 13 10.86 -8.97 -1.56
CA GLY A 13 12.29 -9.16 -1.59
C GLY A 13 12.67 -10.45 -0.92
N VAL A 14 12.08 -10.69 0.23
CA VAL A 14 12.39 -11.87 0.98
C VAL A 14 11.86 -13.10 0.35
N GLN A 15 10.60 -13.08 -0.03
CA GLN A 15 9.98 -14.25 -0.58
C GLN A 15 10.66 -14.67 -1.86
N ILE A 16 11.07 -13.70 -2.67
CA ILE A 16 11.85 -13.98 -3.84
C ILE A 16 13.16 -14.59 -3.46
N GLY A 17 13.78 -14.04 -2.43
CA GLY A 17 15.02 -14.56 -1.94
C GLY A 17 14.90 -16.02 -1.61
N ASN A 18 13.79 -16.40 -1.02
CA ASN A 18 13.61 -17.80 -0.67
C ASN A 18 13.78 -18.65 -1.88
N ALA A 19 13.14 -18.27 -2.97
CA ALA A 19 13.25 -19.00 -4.20
C ALA A 19 14.68 -19.00 -4.70
N CYS A 20 15.34 -17.87 -4.60
CA CYS A 20 16.68 -17.73 -5.11
C CYS A 20 17.65 -18.62 -4.41
N TRP A 21 17.65 -18.58 -3.10
CA TRP A 21 18.59 -19.35 -2.34
C TRP A 21 18.29 -20.80 -2.42
N GLU A 22 17.03 -21.13 -2.57
CA GLU A 22 16.66 -22.49 -2.84
C GLU A 22 17.38 -22.98 -4.07
N LEU A 23 17.32 -22.18 -5.12
CA LEU A 23 17.97 -22.49 -6.36
C LEU A 23 19.47 -22.55 -6.23
N TYR A 24 20.07 -21.57 -5.57
CA TYR A 24 21.51 -21.55 -5.42
C TYR A 24 22.02 -22.81 -4.80
N CYS A 25 21.33 -23.27 -3.78
CA CYS A 25 21.72 -24.47 -3.11
C CYS A 25 21.66 -25.63 -4.03
N LEU A 26 20.59 -25.73 -4.78
CA LEU A 26 20.45 -26.80 -5.71
C LEU A 26 21.59 -26.85 -6.68
N GLU A 27 21.91 -25.72 -7.29
CA GLU A 27 22.94 -25.67 -8.30
C GLU A 27 24.30 -26.05 -7.76
N HIS A 28 24.56 -25.74 -6.51
CA HIS A 28 25.85 -26.04 -5.95
C HIS A 28 25.86 -27.29 -5.11
N GLY A 29 24.74 -28.01 -5.08
CA GLY A 29 24.69 -29.26 -4.35
C GLY A 29 24.61 -29.07 -2.83
N ILE A 30 24.33 -27.86 -2.40
CA ILE A 30 24.27 -27.57 -0.99
C ILE A 30 22.97 -28.03 -0.42
N GLN A 31 23.05 -28.79 0.65
CA GLN A 31 21.88 -29.32 1.28
C GLN A 31 21.43 -28.41 2.35
N PRO A 32 20.11 -28.23 2.51
CA PRO A 32 19.43 -27.38 3.53
C PRO A 32 20.19 -27.18 4.85
N ASP A 33 20.99 -28.15 5.25
CA ASP A 33 21.75 -28.06 6.47
C ASP A 33 23.12 -27.40 6.28
N GLY A 34 23.33 -26.80 5.11
CA GLY A 34 24.58 -26.12 4.80
C GLY A 34 25.65 -27.12 4.47
N GLN A 35 25.25 -28.32 4.09
CA GLN A 35 26.20 -29.37 3.86
C GLN A 35 26.44 -29.59 2.41
N MET A 36 27.60 -30.11 2.08
CA MET A 36 27.88 -30.40 0.71
C MET A 36 28.36 -31.82 0.51
N PRO A 37 27.54 -32.80 0.89
CA PRO A 37 27.78 -34.23 0.72
C PRO A 37 28.01 -34.60 -0.74
N ASP A 47 33.87 -25.99 -7.44
CA ASP A 47 34.63 -25.20 -6.48
C ASP A 47 34.40 -23.71 -6.69
N SER A 48 33.14 -23.31 -6.72
CA SER A 48 32.78 -21.93 -6.93
C SER A 48 31.64 -21.56 -6.03
N PHE A 49 31.93 -21.47 -4.77
CA PHE A 49 30.92 -21.23 -3.79
C PHE A 49 31.19 -19.96 -3.11
N ASN A 50 32.46 -19.60 -3.01
CA ASN A 50 32.89 -18.40 -2.34
C ASN A 50 32.60 -17.18 -3.15
N THR A 51 31.35 -16.91 -3.26
CA THR A 51 30.81 -15.75 -3.89
C THR A 51 29.56 -15.46 -3.19
N PHE A 52 28.82 -16.51 -2.92
CA PHE A 52 27.59 -16.38 -2.20
C PHE A 52 27.62 -17.12 -0.90
N PHE A 53 28.62 -17.95 -0.68
CA PHE A 53 28.67 -18.70 0.56
C PHE A 53 29.97 -18.58 1.28
N SER A 54 29.91 -18.54 2.60
CA SER A 54 31.09 -18.56 3.43
C SER A 54 31.23 -19.89 4.11
N GLU A 55 32.45 -20.20 4.52
CA GLU A 55 32.73 -21.44 5.20
C GLU A 55 32.87 -21.24 6.69
N THR A 56 32.16 -22.04 7.47
CA THR A 56 32.28 -21.97 8.92
C THR A 56 33.29 -22.97 9.41
N GLY A 57 33.48 -23.01 10.71
CA GLY A 57 34.45 -23.90 11.32
C GLY A 57 34.26 -25.37 10.91
N ALA A 58 33.00 -25.80 10.83
CA ALA A 58 32.71 -27.19 10.47
C ALA A 58 32.67 -27.39 8.97
N GLY A 59 32.92 -26.34 8.22
CA GLY A 59 32.87 -26.41 6.79
C GLY A 59 31.51 -25.95 6.25
N LYS A 60 30.50 -25.93 7.12
CA LYS A 60 29.16 -25.56 6.74
C LYS A 60 29.10 -24.29 5.93
N HIS A 61 28.24 -24.29 4.94
CA HIS A 61 28.05 -23.14 4.08
C HIS A 61 27.05 -22.20 4.63
N VAL A 62 27.37 -20.93 4.57
CA VAL A 62 26.45 -19.90 5.00
C VAL A 62 26.33 -18.85 3.92
N PRO A 63 25.18 -18.76 3.29
CA PRO A 63 24.89 -17.83 2.25
C PRO A 63 25.09 -16.43 2.73
N ARG A 64 25.42 -15.56 1.80
CA ARG A 64 25.76 -14.20 2.10
C ARG A 64 24.68 -13.26 1.73
N ALA A 65 23.73 -13.09 2.62
CA ALA A 65 22.64 -12.22 2.38
C ALA A 65 22.06 -11.67 3.64
N VAL A 66 21.38 -10.56 3.50
CA VAL A 66 20.72 -9.96 4.61
C VAL A 66 19.27 -9.78 4.30
N PHE A 67 18.43 -10.28 5.16
CA PHE A 67 17.01 -10.16 4.99
C PHE A 67 16.45 -9.17 5.94
N VAL A 68 15.76 -8.20 5.40
CA VAL A 68 15.18 -7.17 6.21
C VAL A 68 13.73 -7.04 5.95
N ASP A 69 12.95 -7.12 6.99
CA ASP A 69 11.53 -6.92 6.84
C ASP A 69 10.92 -6.50 8.13
N LEU A 70 10.37 -5.31 8.13
CA LEU A 70 9.74 -4.75 9.29
C LEU A 70 8.56 -5.60 9.78
N GLU A 71 8.03 -6.44 8.89
CA GLU A 71 6.97 -7.37 9.22
C GLU A 71 7.52 -8.73 9.54
N PRO A 72 7.86 -8.99 10.80
CA PRO A 72 8.46 -10.23 11.28
C PRO A 72 7.80 -11.50 10.76
N THR A 73 6.52 -11.44 10.40
CA THR A 73 5.79 -12.60 9.89
C THR A 73 6.53 -13.30 8.77
N VAL A 74 7.03 -12.52 7.84
CA VAL A 74 7.63 -13.06 6.66
C VAL A 74 8.88 -13.80 6.97
N ILE A 75 9.69 -13.20 7.79
CA ILE A 75 10.92 -13.80 8.17
C ILE A 75 10.69 -14.99 9.02
N ASP A 76 9.67 -14.96 9.85
CA ASP A 76 9.34 -16.10 10.66
C ASP A 76 9.07 -17.31 9.82
N GLU A 77 8.43 -17.11 8.67
CA GLU A 77 8.24 -18.21 7.75
C GLU A 77 9.56 -18.80 7.37
N VAL A 78 10.54 -17.94 7.14
CA VAL A 78 11.88 -18.39 6.81
C VAL A 78 12.53 -19.09 7.99
N ARG A 79 12.41 -18.50 9.16
CA ARG A 79 13.02 -19.02 10.37
C ARG A 79 12.49 -20.39 10.72
N THR A 80 11.27 -20.67 10.32
CA THR A 80 10.68 -21.96 10.59
C THR A 80 10.53 -22.79 9.34
N GLY A 81 11.19 -22.38 8.27
CA GLY A 81 11.04 -23.07 7.02
C GLY A 81 12.12 -24.11 6.79
N THR A 82 12.13 -24.66 5.60
CA THR A 82 13.07 -25.70 5.23
C THR A 82 14.50 -25.26 5.37
N TYR A 83 14.76 -24.04 4.97
CA TYR A 83 16.10 -23.54 4.95
C TYR A 83 16.46 -22.74 6.17
N ARG A 84 15.79 -22.99 7.27
CA ARG A 84 16.10 -22.30 8.51
C ARG A 84 17.49 -22.59 9.02
N GLN A 85 18.10 -23.66 8.52
CA GLN A 85 19.44 -24.02 8.93
C GLN A 85 20.49 -23.33 8.09
N LEU A 86 20.10 -22.58 7.07
CA LEU A 86 21.07 -21.93 6.22
C LEU A 86 21.31 -20.52 6.56
N PHE A 87 20.82 -20.04 7.66
CA PHE A 87 21.05 -18.65 7.93
C PHE A 87 21.55 -18.39 9.28
N HIS A 88 22.54 -17.54 9.36
CA HIS A 88 23.02 -17.08 10.61
C HIS A 88 21.99 -16.18 11.15
N PRO A 89 21.30 -16.58 12.21
CA PRO A 89 20.27 -15.78 12.88
C PRO A 89 20.32 -14.27 12.58
N GLU A 90 21.48 -13.64 12.77
CA GLU A 90 21.56 -12.18 12.63
C GLU A 90 21.40 -11.67 11.20
N GLN A 91 21.32 -12.56 10.24
CA GLN A 91 21.06 -12.21 8.88
C GLN A 91 19.59 -11.99 8.66
N LEU A 92 18.79 -12.39 9.63
CA LEU A 92 17.37 -12.24 9.53
C LEU A 92 16.90 -11.15 10.45
N ILE A 93 16.86 -9.94 9.92
CA ILE A 93 16.50 -8.78 10.69
C ILE A 93 15.05 -8.44 10.54
N THR A 94 14.35 -8.35 11.66
CA THR A 94 12.94 -8.06 11.64
C THR A 94 12.58 -6.87 12.47
N GLY A 95 11.49 -6.24 12.10
CA GLY A 95 10.94 -5.16 12.87
C GLY A 95 9.76 -5.65 13.68
N LYS A 96 9.03 -4.72 14.26
CA LYS A 96 7.86 -5.08 15.03
C LYS A 96 6.60 -4.69 14.32
N GLU A 97 6.68 -3.69 13.47
CA GLU A 97 5.54 -3.18 12.73
C GLU A 97 5.96 -2.74 11.37
N ASP A 98 5.16 -3.05 10.36
CA ASP A 98 5.55 -2.77 9.00
C ASP A 98 5.26 -1.34 8.58
N ALA A 99 5.47 -1.04 7.32
CA ALA A 99 5.36 0.31 6.86
C ALA A 99 4.00 0.63 6.30
N ALA A 100 3.09 -0.34 6.33
CA ALA A 100 1.72 -0.11 5.89
C ALA A 100 1.64 0.57 4.53
N ASN A 101 2.45 0.14 3.57
CA ASN A 101 2.50 0.81 2.29
C ASN A 101 2.72 2.29 2.41
N ASN A 102 3.55 2.70 3.33
CA ASN A 102 3.78 4.09 3.50
C ASN A 102 5.23 4.39 3.43
N TYR A 103 5.66 4.90 2.29
CA TYR A 103 7.04 5.25 2.07
C TYR A 103 7.64 6.00 3.23
N ALA A 104 6.88 6.91 3.81
CA ALA A 104 7.38 7.72 4.88
C ALA A 104 7.73 6.90 6.09
N ARG A 105 6.96 5.86 6.35
CA ARG A 105 7.27 4.99 7.46
C ARG A 105 8.52 4.21 7.15
N GLY A 106 8.61 3.72 5.94
CA GLY A 106 9.73 2.93 5.54
C GLY A 106 11.01 3.74 5.55
N HIS A 107 10.92 5.00 5.22
CA HIS A 107 12.09 5.82 5.11
C HIS A 107 12.39 6.63 6.34
N TYR A 108 11.41 7.37 6.82
CA TYR A 108 11.68 8.35 7.85
C TYR A 108 11.41 7.91 9.28
N THR A 109 10.31 7.22 9.53
CA THR A 109 9.95 7.02 10.92
C THR A 109 10.16 5.63 11.46
N ILE A 110 10.06 4.63 10.62
CA ILE A 110 10.23 3.28 11.12
C ILE A 110 11.55 2.72 10.72
N GLY A 111 11.83 2.74 9.43
CA GLY A 111 13.07 2.21 8.90
C GLY A 111 14.26 2.88 9.56
N LYS A 112 14.10 4.15 9.88
CA LYS A 112 15.12 4.93 10.55
C LYS A 112 15.69 4.23 11.78
N GLU A 113 14.87 3.47 12.47
CA GLU A 113 15.27 2.88 13.72
C GLU A 113 15.88 1.50 13.55
N ILE A 114 15.88 1.00 12.33
CA ILE A 114 16.41 -0.32 12.07
C ILE A 114 17.66 -0.27 11.25
N ILE A 115 17.66 0.61 10.26
CA ILE A 115 18.76 0.77 9.33
C ILE A 115 20.15 0.71 9.94
N ASP A 116 20.30 1.19 11.17
CA ASP A 116 21.60 1.17 11.80
C ASP A 116 22.07 -0.24 11.99
N LEU A 117 21.19 -1.09 12.46
CA LEU A 117 21.47 -2.47 12.65
C LEU A 117 21.83 -3.13 11.38
N VAL A 118 21.01 -2.89 10.38
CA VAL A 118 21.18 -3.49 9.09
C VAL A 118 22.53 -3.20 8.53
N LEU A 119 22.91 -1.95 8.53
CA LEU A 119 24.18 -1.57 7.97
C LEU A 119 25.31 -2.18 8.71
N ASP A 120 25.21 -2.27 10.01
CA ASP A 120 26.26 -2.87 10.78
C ASP A 120 26.43 -4.31 10.40
N ARG A 121 25.32 -5.02 10.24
CA ARG A 121 25.39 -6.41 9.87
C ARG A 121 26.02 -6.56 8.53
N ILE A 122 25.62 -5.69 7.61
CA ILE A 122 26.17 -5.72 6.28
C ILE A 122 27.63 -5.50 6.30
N ARG A 123 28.07 -4.52 7.06
CA ARG A 123 29.47 -4.22 7.15
C ARG A 123 30.25 -5.41 7.58
N LYS A 124 29.78 -6.08 8.61
CA LYS A 124 30.46 -7.25 9.10
C LYS A 124 30.54 -8.32 8.05
N LEU A 125 29.49 -8.45 7.26
CA LEU A 125 29.51 -9.40 6.18
C LEU A 125 30.53 -8.99 5.14
N ALA A 126 30.52 -7.71 4.80
CA ALA A 126 31.44 -7.18 3.81
C ALA A 126 32.87 -7.37 4.23
N ASP A 127 33.12 -7.31 5.53
CA ASP A 127 34.45 -7.47 6.07
C ASP A 127 34.98 -8.89 5.95
N GLN A 128 34.13 -9.82 5.53
CA GLN A 128 34.56 -11.18 5.34
C GLN A 128 35.06 -11.37 3.92
N CYS A 129 34.91 -10.34 3.09
CA CYS A 129 35.19 -10.49 1.68
C CYS A 129 36.60 -10.15 1.30
N THR A 130 37.06 -10.82 0.26
CA THR A 130 38.37 -10.61 -0.32
C THR A 130 38.30 -9.66 -1.48
N GLY A 131 37.10 -9.44 -1.97
CA GLY A 131 36.88 -8.55 -3.08
C GLY A 131 35.42 -8.52 -3.44
N LEU A 132 34.71 -7.59 -2.86
CA LEU A 132 33.32 -7.43 -3.10
C LEU A 132 33.06 -6.83 -4.44
N GLN A 133 32.23 -7.49 -5.22
CA GLN A 133 31.88 -6.99 -6.52
C GLN A 133 30.79 -5.97 -6.41
N GLY A 134 29.77 -6.28 -5.62
CA GLY A 134 28.66 -5.39 -5.45
C GLY A 134 27.54 -6.02 -4.65
N PHE A 135 26.38 -5.38 -4.70
CA PHE A 135 25.23 -5.81 -3.97
C PHE A 135 24.06 -6.12 -4.88
N LEU A 136 23.21 -7.04 -4.47
CA LEU A 136 21.99 -7.35 -5.19
C LEU A 136 20.79 -7.09 -4.33
N VAL A 137 20.13 -5.96 -4.52
CA VAL A 137 19.00 -5.63 -3.67
C VAL A 137 17.69 -6.00 -4.31
N PHE A 138 16.86 -6.72 -3.58
CA PHE A 138 15.56 -7.12 -4.06
C PHE A 138 14.46 -6.40 -3.31
N HIS A 139 13.58 -5.73 -4.04
CA HIS A 139 12.48 -5.03 -3.39
C HIS A 139 11.34 -4.75 -4.35
N SER A 140 10.24 -4.25 -3.83
CA SER A 140 9.13 -3.88 -4.67
C SER A 140 8.78 -2.45 -4.53
N PHE A 141 8.46 -1.82 -5.63
CA PHE A 141 7.94 -0.51 -5.55
C PHE A 141 6.56 -0.60 -4.99
N GLY A 142 6.19 0.33 -4.16
CA GLY A 142 4.87 0.32 -3.56
C GLY A 142 4.89 -0.24 -2.16
N GLY A 143 5.77 -1.19 -1.90
CA GLY A 143 5.87 -1.76 -0.59
C GLY A 143 6.47 -0.76 0.33
N GLY A 144 5.83 -0.49 1.43
CA GLY A 144 6.34 0.52 2.31
C GLY A 144 7.77 0.19 2.71
N THR A 145 8.02 -1.08 3.01
CA THR A 145 9.33 -1.48 3.38
C THR A 145 10.22 -1.51 2.16
N GLY A 146 9.87 -2.34 1.20
CA GLY A 146 10.64 -2.43 -0.02
C GLY A 146 10.98 -1.06 -0.57
N SER A 147 9.96 -0.31 -0.91
CA SER A 147 10.12 1.01 -1.46
C SER A 147 10.78 1.97 -0.49
N GLY A 148 10.15 2.18 0.65
CA GLY A 148 10.62 3.18 1.61
C GLY A 148 11.96 2.85 2.21
N PHE A 149 12.06 1.67 2.79
CA PHE A 149 13.27 1.28 3.45
C PHE A 149 14.43 1.22 2.50
N THR A 150 14.23 0.62 1.33
CA THR A 150 15.32 0.51 0.38
C THR A 150 15.87 1.84 0.04
N SER A 151 14.99 2.82 -0.16
CA SER A 151 15.44 4.16 -0.43
C SER A 151 16.48 4.59 0.57
N LEU A 152 16.14 4.44 1.84
CA LEU A 152 17.04 4.78 2.92
C LEU A 152 18.31 3.98 2.85
N LEU A 153 18.18 2.68 2.68
CA LEU A 153 19.31 1.81 2.66
C LEU A 153 20.31 2.23 1.62
N MET A 154 19.85 2.41 0.41
CA MET A 154 20.72 2.79 -0.68
C MET A 154 21.42 4.08 -0.41
N GLU A 155 20.69 5.03 0.16
CA GLU A 155 21.24 6.31 0.50
C GLU A 155 22.50 6.17 1.32
N ARG A 156 22.53 5.20 2.22
CA ARG A 156 23.66 5.07 3.10
C ARG A 156 24.70 4.09 2.62
N LEU A 157 24.27 3.07 1.88
CA LEU A 157 25.23 2.13 1.32
C LEU A 157 26.17 2.79 0.39
N SER A 158 25.66 3.75 -0.38
CA SER A 158 26.47 4.44 -1.35
C SER A 158 27.56 5.27 -0.70
N VAL A 159 27.40 5.58 0.57
CA VAL A 159 28.41 6.34 1.25
C VAL A 159 29.57 5.48 1.62
N ASP A 160 29.30 4.37 2.26
CA ASP A 160 30.36 3.47 2.66
C ASP A 160 30.99 2.78 1.48
N TYR A 161 30.21 2.46 0.48
CA TYR A 161 30.70 1.72 -0.66
C TYR A 161 30.44 2.45 -1.94
N GLY A 162 31.07 3.61 -2.08
CA GLY A 162 30.84 4.45 -3.24
C GLY A 162 31.30 3.82 -4.56
N LYS A 163 32.16 2.82 -4.48
CA LYS A 163 32.68 2.22 -5.70
C LYS A 163 32.21 0.81 -5.95
N LYS A 164 31.27 0.31 -5.15
CA LYS A 164 30.79 -1.03 -5.36
C LYS A 164 29.56 -1.04 -6.25
N SER A 165 29.36 -2.11 -7.00
CA SER A 165 28.23 -2.16 -7.90
C SER A 165 26.96 -2.25 -7.13
N LYS A 166 26.01 -1.44 -7.51
CA LYS A 166 24.74 -1.38 -6.83
C LYS A 166 23.62 -1.82 -7.73
N LEU A 167 23.39 -3.12 -7.77
CA LEU A 167 22.37 -3.65 -8.63
C LEU A 167 21.15 -3.93 -7.84
N GLU A 168 20.02 -3.81 -8.47
CA GLU A 168 18.80 -4.10 -7.78
C GLU A 168 17.76 -4.63 -8.71
N PHE A 169 16.88 -5.42 -8.17
CA PHE A 169 15.79 -5.96 -8.89
C PHE A 169 14.57 -5.45 -8.28
N SER A 170 13.62 -5.06 -9.06
CA SER A 170 12.46 -4.51 -8.46
C SER A 170 11.22 -4.78 -9.19
N ILE A 171 10.18 -4.98 -8.43
CA ILE A 171 8.90 -5.20 -8.99
C ILE A 171 8.27 -3.90 -9.32
N TYR A 172 8.02 -3.71 -10.57
CA TYR A 172 7.49 -2.48 -11.08
C TYR A 172 5.99 -2.55 -11.17
N PRO A 173 5.27 -1.80 -10.33
CA PRO A 173 3.80 -1.77 -10.33
C PRO A 173 3.27 -1.84 -11.74
N ALA A 174 2.86 -3.02 -12.15
CA ALA A 174 2.44 -3.23 -13.52
C ALA A 174 1.19 -2.42 -13.86
N PRO A 175 1.18 -1.79 -15.03
CA PRO A 175 0.13 -0.91 -15.57
C PRO A 175 -1.29 -1.27 -15.13
N GLN A 176 -1.67 -2.54 -15.26
CA GLN A 176 -3.05 -2.91 -15.06
C GLN A 176 -3.30 -3.84 -13.89
N VAL A 177 -2.42 -3.88 -12.92
CA VAL A 177 -2.68 -4.77 -11.80
C VAL A 177 -3.04 -3.98 -10.60
N SER A 178 -3.19 -4.68 -9.50
CA SER A 178 -3.59 -4.06 -8.29
C SER A 178 -2.62 -4.35 -7.15
N THR A 179 -3.17 -4.83 -6.05
CA THR A 179 -2.46 -5.13 -4.80
C THR A 179 -2.58 -3.97 -3.84
N ALA A 180 -2.02 -2.80 -4.18
CA ALA A 180 -2.13 -1.66 -3.30
C ALA A 180 -2.67 -0.46 -4.04
N VAL A 181 -3.18 0.50 -3.29
CA VAL A 181 -3.74 1.68 -3.89
C VAL A 181 -2.74 2.79 -3.94
N VAL A 182 -2.08 3.04 -2.82
CA VAL A 182 -1.07 4.09 -2.73
C VAL A 182 0.26 3.80 -3.46
N GLU A 183 0.24 2.85 -4.41
CA GLU A 183 1.43 2.50 -5.16
C GLU A 183 2.15 3.68 -5.77
N PRO A 184 1.57 4.34 -6.79
CA PRO A 184 2.24 5.39 -7.54
C PRO A 184 2.91 6.44 -6.65
N TYR A 185 2.41 6.63 -5.44
CA TYR A 185 3.06 7.52 -4.53
C TYR A 185 4.36 6.95 -4.11
N ASN A 186 4.30 5.76 -3.54
CA ASN A 186 5.49 5.12 -3.02
C ASN A 186 6.49 4.88 -4.11
N SER A 187 6.01 4.50 -5.28
CA SER A 187 6.86 4.19 -6.39
C SER A 187 7.70 5.37 -6.78
N ILE A 188 7.06 6.49 -7.04
CA ILE A 188 7.78 7.68 -7.42
C ILE A 188 8.66 8.18 -6.34
N LEU A 189 8.20 8.15 -5.11
CA LEU A 189 9.00 8.62 -4.02
C LEU A 189 10.32 7.89 -3.96
N THR A 190 10.27 6.59 -4.20
CA THR A 190 11.47 5.81 -4.22
C THR A 190 12.33 6.12 -5.38
N THR A 191 11.73 6.14 -6.57
CA THR A 191 12.47 6.41 -7.78
C THR A 191 13.27 7.67 -7.67
N HIS A 192 12.65 8.68 -7.11
CA HIS A 192 13.26 9.97 -6.93
C HIS A 192 14.60 9.92 -6.23
N THR A 193 14.78 8.96 -5.34
CA THR A 193 16.02 8.87 -4.61
C THR A 193 16.91 7.81 -5.22
N THR A 194 16.28 6.79 -5.78
CA THR A 194 16.97 5.67 -6.38
C THR A 194 17.90 6.11 -7.46
N LEU A 195 17.45 7.06 -8.26
CA LEU A 195 18.22 7.55 -9.37
C LEU A 195 19.59 8.08 -8.98
N GLU A 196 19.77 8.42 -7.72
CA GLU A 196 21.00 9.03 -7.31
C GLU A 196 21.96 8.06 -6.65
N HIS A 197 21.61 6.79 -6.61
CA HIS A 197 22.48 5.84 -5.93
C HIS A 197 22.63 4.53 -6.65
N SER A 198 21.57 4.09 -7.30
CA SER A 198 21.59 2.80 -7.96
C SER A 198 22.40 2.84 -9.23
N ASP A 199 23.10 1.75 -9.51
CA ASP A 199 23.86 1.64 -10.74
C ASP A 199 23.03 1.04 -11.84
N CYS A 200 22.16 0.11 -11.48
CA CYS A 200 21.31 -0.50 -12.47
C CYS A 200 20.18 -1.28 -11.86
N ALA A 201 18.97 -0.93 -12.25
CA ALA A 201 17.79 -1.58 -11.75
C ALA A 201 17.17 -2.45 -12.80
N PHE A 202 16.64 -3.59 -12.39
CA PHE A 202 16.00 -4.49 -13.32
C PHE A 202 14.53 -4.54 -13.07
N MET A 203 13.75 -4.13 -14.05
CA MET A 203 12.32 -4.03 -13.90
C MET A 203 11.63 -5.32 -14.21
N VAL A 204 10.73 -5.74 -13.32
CA VAL A 204 9.92 -6.92 -13.56
C VAL A 204 8.45 -6.67 -13.23
N ASP A 205 7.57 -7.05 -14.14
CA ASP A 205 6.14 -6.92 -13.89
C ASP A 205 5.49 -8.24 -13.61
N ASN A 206 4.71 -8.29 -12.55
CA ASN A 206 3.98 -9.48 -12.24
C ASN A 206 2.98 -9.77 -13.33
N GLU A 207 2.40 -8.71 -13.87
CA GLU A 207 1.42 -8.82 -14.92
C GLU A 207 1.97 -9.57 -16.09
N ALA A 208 3.13 -9.15 -16.56
CA ALA A 208 3.75 -9.77 -17.71
C ALA A 208 4.02 -11.20 -17.45
N ILE A 209 4.47 -11.51 -16.27
CA ILE A 209 4.77 -12.87 -15.96
C ILE A 209 3.56 -13.74 -16.05
N TYR A 210 2.42 -13.25 -15.56
CA TYR A 210 1.20 -14.04 -15.63
C TYR A 210 0.91 -14.42 -17.05
N ASP A 211 1.11 -13.49 -17.96
CA ASP A 211 0.86 -13.75 -19.35
C ASP A 211 1.74 -14.86 -19.85
N ILE A 212 2.99 -14.82 -19.45
CA ILE A 212 3.95 -15.82 -19.83
C ILE A 212 3.57 -17.18 -19.29
N CYS A 213 3.13 -17.22 -18.06
CA CYS A 213 2.70 -18.47 -17.47
C CYS A 213 1.55 -19.05 -18.24
N ARG A 214 0.66 -18.19 -18.68
CA ARG A 214 -0.49 -18.62 -19.40
C ARG A 214 -0.18 -19.13 -20.78
N ARG A 215 0.73 -18.46 -21.47
CA ARG A 215 0.96 -18.76 -22.86
C ARG A 215 2.16 -19.64 -23.13
N ASN A 216 3.21 -19.49 -22.36
CA ASN A 216 4.40 -20.27 -22.59
C ASN A 216 4.40 -21.50 -21.76
N LEU A 217 4.14 -21.36 -20.49
CA LEU A 217 4.07 -22.52 -19.63
C LEU A 217 2.80 -23.25 -19.85
N ASP A 218 1.79 -22.56 -20.36
CA ASP A 218 0.51 -23.17 -20.62
C ASP A 218 -0.09 -23.68 -19.36
N ILE A 219 -0.02 -22.88 -18.32
CA ILE A 219 -0.59 -23.23 -17.07
C ILE A 219 -1.60 -22.21 -16.66
N GLU A 220 -2.20 -22.46 -15.54
CA GLU A 220 -3.15 -21.54 -15.00
C GLU A 220 -3.10 -21.63 -13.54
N ARG A 221 -3.49 -20.56 -12.90
CA ARG A 221 -3.44 -20.46 -11.47
C ARG A 221 -2.03 -20.56 -10.91
N PRO A 222 -1.23 -19.52 -11.11
CA PRO A 222 0.10 -19.40 -10.57
C PRO A 222 0.11 -18.49 -9.38
N THR A 223 1.04 -18.74 -8.47
CA THR A 223 1.20 -17.90 -7.31
C THR A 223 2.60 -17.49 -7.21
N TYR A 224 2.89 -16.73 -6.20
CA TYR A 224 4.23 -16.29 -5.99
C TYR A 224 5.20 -17.47 -5.81
N THR A 225 4.66 -18.66 -5.48
CA THR A 225 5.48 -19.83 -5.26
C THR A 225 6.13 -20.33 -6.53
N ASN A 226 5.66 -19.88 -7.68
CA ASN A 226 6.28 -20.26 -8.91
C ASN A 226 6.53 -19.06 -9.80
N LEU A 227 5.91 -17.94 -9.48
CA LEU A 227 6.23 -16.73 -10.18
C LEU A 227 7.62 -16.32 -9.82
N ASN A 228 7.96 -16.51 -8.56
CA ASN A 228 9.27 -16.18 -8.09
C ASN A 228 10.30 -17.11 -8.63
N ARG A 229 9.90 -18.35 -8.89
CA ARG A 229 10.82 -19.33 -9.42
C ARG A 229 11.32 -18.89 -10.75
N LEU A 230 10.40 -18.40 -11.57
CA LEU A 230 10.79 -17.87 -12.85
C LEU A 230 11.79 -16.76 -12.69
N ILE A 231 11.50 -15.86 -11.77
CA ILE A 231 12.40 -14.76 -11.53
C ILE A 231 13.76 -15.23 -11.10
N SER A 232 13.82 -16.23 -10.24
CA SER A 232 15.08 -16.72 -9.76
C SER A 232 15.94 -17.25 -10.87
N GLN A 233 15.31 -17.78 -11.92
CA GLN A 233 16.07 -18.23 -13.07
C GLN A 233 16.82 -17.10 -13.67
N ILE A 234 16.19 -15.94 -13.75
CA ILE A 234 16.83 -14.78 -14.29
C ILE A 234 18.01 -14.38 -13.46
N VAL A 235 17.81 -14.35 -12.16
CA VAL A 235 18.87 -13.96 -11.27
C VAL A 235 20.04 -14.88 -11.38
N SER A 236 19.77 -16.18 -11.40
CA SER A 236 20.81 -17.17 -11.54
C SER A 236 21.58 -16.94 -12.78
N SER A 237 20.89 -16.72 -13.88
CA SER A 237 21.52 -16.51 -15.15
C SER A 237 22.55 -15.42 -15.09
N ILE A 238 22.23 -14.35 -14.38
CA ILE A 238 23.15 -13.28 -14.25
C ILE A 238 24.37 -13.66 -13.45
N THR A 239 24.16 -14.22 -12.27
CA THR A 239 25.27 -14.49 -11.39
C THR A 239 26.04 -15.73 -11.78
N ALA A 240 25.47 -16.53 -12.67
CA ALA A 240 26.14 -17.71 -13.17
C ALA A 240 27.49 -17.36 -13.74
N SER A 241 27.61 -16.16 -14.27
CA SER A 241 28.85 -15.69 -14.82
C SER A 241 29.97 -15.76 -13.81
N LEU A 242 29.67 -15.41 -12.57
CA LEU A 242 30.66 -15.43 -11.54
C LEU A 242 30.88 -16.83 -11.05
N ARG A 243 29.82 -17.59 -11.01
CA ARG A 243 29.84 -18.88 -10.39
C ARG A 243 30.37 -19.99 -11.27
N PHE A 244 30.34 -19.83 -12.57
CA PHE A 244 30.82 -20.89 -13.42
C PHE A 244 31.68 -20.38 -14.54
N ASP A 245 32.60 -21.21 -14.99
CA ASP A 245 33.43 -20.89 -16.12
C ASP A 245 32.61 -20.79 -17.37
N GLY A 246 32.98 -19.87 -18.24
CA GLY A 246 32.28 -19.72 -19.49
C GLY A 246 33.22 -19.27 -20.56
N ALA A 247 32.75 -19.30 -21.79
CA ALA A 247 33.54 -18.82 -22.90
C ALA A 247 33.75 -17.35 -22.78
N LEU A 248 32.71 -16.67 -22.34
CA LEU A 248 32.76 -15.23 -22.17
C LEU A 248 32.17 -14.85 -20.86
N ASN A 249 32.97 -14.87 -19.82
CA ASN A 249 32.47 -14.50 -18.51
C ASN A 249 32.31 -13.00 -18.42
N VAL A 250 31.26 -12.57 -17.74
CA VAL A 250 30.97 -11.16 -17.60
C VAL A 250 30.88 -10.76 -16.14
N ASP A 251 31.81 -9.97 -15.68
CA ASP A 251 31.78 -9.52 -14.30
C ASP A 251 30.69 -8.48 -14.11
N LEU A 252 30.16 -8.41 -12.90
CA LEU A 252 29.03 -7.55 -12.62
C LEU A 252 29.29 -6.12 -12.98
N THR A 253 30.52 -5.67 -12.77
CA THR A 253 30.88 -4.32 -13.07
C THR A 253 30.58 -3.97 -14.50
N GLU A 254 30.79 -4.91 -15.40
CA GLU A 254 30.63 -4.64 -16.82
C GLU A 254 29.20 -4.36 -17.23
N PHE A 255 28.25 -4.63 -16.36
CA PHE A 255 26.88 -4.35 -16.68
C PHE A 255 26.59 -2.88 -16.71
N GLN A 256 27.36 -2.10 -15.97
CA GLN A 256 27.18 -0.68 -16.03
C GLN A 256 27.54 -0.20 -17.38
N THR A 257 28.78 -0.46 -17.74
CA THR A 257 29.31 -0.09 -19.01
C THR A 257 28.45 -0.53 -20.16
N ASN A 258 27.97 -1.74 -20.11
CA ASN A 258 27.29 -2.30 -21.24
C ASN A 258 25.78 -2.13 -21.22
N LEU A 259 25.25 -1.36 -20.29
CA LEU A 259 23.81 -1.16 -20.25
C LEU A 259 23.45 0.29 -20.13
N VAL A 260 24.14 0.98 -19.26
CA VAL A 260 23.92 2.39 -19.05
C VAL A 260 24.74 3.22 -20.00
N PRO A 261 24.14 4.20 -20.63
CA PRO A 261 24.90 5.09 -21.51
C PRO A 261 24.71 6.50 -21.08
N TYR A 262 23.98 6.66 -20.02
CA TYR A 262 23.76 7.96 -19.48
C TYR A 262 23.25 7.85 -18.07
N PRO A 263 24.07 8.23 -17.09
CA PRO A 263 23.78 8.09 -15.64
C PRO A 263 22.31 7.86 -15.30
N ARG A 264 21.51 8.91 -15.38
CA ARG A 264 20.11 8.87 -14.95
C ARG A 264 19.30 7.71 -15.53
N ILE A 265 19.67 7.24 -16.70
CA ILE A 265 18.97 6.14 -17.29
C ILE A 265 19.61 4.84 -16.95
N HIS A 266 18.90 4.02 -16.21
CA HIS A 266 19.44 2.74 -15.81
C HIS A 266 18.37 1.80 -15.35
N PHE A 267 17.42 1.54 -16.23
CA PHE A 267 16.35 0.61 -15.95
C PHE A 267 16.17 -0.41 -17.03
N PRO A 268 17.02 -1.41 -17.09
CA PRO A 268 16.90 -2.48 -18.04
C PRO A 268 15.70 -3.32 -17.78
N LEU A 269 15.17 -3.86 -18.84
CA LEU A 269 14.11 -4.79 -18.78
C LEU A 269 14.73 -6.14 -18.82
N ALA A 270 13.97 -7.16 -18.58
CA ALA A 270 14.55 -8.46 -18.60
C ALA A 270 13.64 -9.46 -19.24
N THR A 271 14.25 -10.48 -19.82
CA THR A 271 13.51 -11.61 -20.31
C THR A 271 14.31 -12.86 -20.15
N TYR A 272 13.71 -13.96 -20.51
CA TYR A 272 14.31 -15.24 -20.29
C TYR A 272 13.71 -16.28 -21.15
N ALA A 273 14.50 -16.83 -22.02
CA ALA A 273 14.06 -17.88 -22.87
C ALA A 273 14.87 -19.11 -22.57
N PRO A 274 14.33 -20.27 -22.80
CA PRO A 274 13.03 -20.50 -23.39
C PRO A 274 12.09 -21.09 -22.40
N VAL A 275 11.14 -20.29 -21.94
CA VAL A 275 10.14 -20.77 -21.05
C VAL A 275 9.27 -21.75 -21.80
N ILE A 276 8.92 -22.86 -21.17
CA ILE A 276 8.23 -23.92 -21.88
C ILE A 276 7.96 -25.13 -21.01
N SER A 277 6.82 -25.76 -21.25
CA SER A 277 6.46 -26.98 -20.58
C SER A 277 7.01 -28.17 -21.31
N ALA A 278 7.29 -29.22 -20.57
CA ALA A 278 7.84 -30.44 -21.15
C ALA A 278 7.00 -30.93 -22.31
N GLU A 279 5.69 -30.70 -22.21
CA GLU A 279 4.78 -31.09 -23.26
C GLU A 279 5.25 -30.61 -24.61
N LYS A 280 5.63 -29.35 -24.67
CA LYS A 280 6.06 -28.76 -25.90
C LYS A 280 7.51 -29.00 -26.14
N ALA A 281 8.28 -29.16 -25.08
CA ALA A 281 9.70 -29.41 -25.21
C ALA A 281 9.96 -30.61 -26.10
N TYR A 282 9.17 -31.64 -25.93
CA TYR A 282 9.33 -32.83 -26.73
C TYR A 282 9.08 -32.60 -28.20
N HIS A 283 8.30 -31.59 -28.52
CA HIS A 283 7.95 -31.32 -29.87
C HIS A 283 8.68 -30.15 -30.45
N GLU A 284 9.71 -29.65 -29.78
CA GLU A 284 10.35 -28.46 -30.29
C GLU A 284 11.84 -28.42 -30.08
N GLN A 285 12.56 -28.14 -31.15
CA GLN A 285 14.00 -28.03 -31.08
C GLN A 285 14.43 -26.65 -30.68
N LEU A 286 14.90 -26.51 -29.47
CA LEU A 286 15.29 -25.22 -28.94
C LEU A 286 16.71 -24.86 -29.31
N SER A 287 16.91 -24.49 -30.56
CA SER A 287 18.22 -24.12 -31.05
C SER A 287 18.62 -22.77 -30.56
N VAL A 288 19.89 -22.45 -30.72
CA VAL A 288 20.41 -21.16 -30.32
C VAL A 288 19.69 -20.05 -31.02
N ALA A 289 19.52 -20.19 -32.31
CA ALA A 289 18.85 -19.20 -33.10
C ALA A 289 17.41 -19.07 -32.68
N GLU A 290 16.78 -20.20 -32.43
CA GLU A 290 15.39 -20.22 -32.05
C GLU A 290 15.17 -19.40 -30.81
N ILE A 291 15.97 -19.67 -29.82
CA ILE A 291 15.86 -19.02 -28.56
C ILE A 291 16.15 -17.57 -28.67
N THR A 292 17.21 -17.24 -29.38
CA THR A 292 17.60 -15.86 -29.55
C THR A 292 16.47 -15.04 -30.12
N ASN A 293 15.77 -15.61 -31.09
CA ASN A 293 14.64 -14.92 -31.68
C ASN A 293 13.53 -14.71 -30.69
N ALA A 294 13.28 -15.74 -29.88
CA ALA A 294 12.23 -15.67 -28.89
C ALA A 294 12.42 -14.51 -27.94
N CYS A 295 13.67 -14.22 -27.59
CA CYS A 295 13.97 -13.13 -26.68
C CYS A 295 13.48 -11.78 -27.15
N PHE A 296 13.35 -11.61 -28.46
CA PHE A 296 12.92 -10.33 -28.99
C PHE A 296 11.47 -10.31 -29.39
N GLU A 297 10.74 -11.36 -29.05
CA GLU A 297 9.34 -11.36 -29.31
C GLU A 297 8.62 -10.71 -28.16
N PRO A 298 8.09 -9.48 -28.36
CA PRO A 298 7.34 -8.67 -27.37
C PRO A 298 6.62 -9.52 -26.31
N ALA A 299 5.96 -10.56 -26.78
CA ALA A 299 5.18 -11.43 -25.92
C ALA A 299 5.96 -11.99 -24.74
N ASN A 300 7.26 -12.17 -24.91
CA ASN A 300 8.06 -12.85 -23.91
C ASN A 300 8.78 -11.91 -22.97
N GLN A 301 8.46 -10.64 -22.99
CA GLN A 301 9.16 -9.73 -22.10
C GLN A 301 8.59 -9.85 -20.70
N MET A 302 9.42 -9.60 -19.69
CA MET A 302 8.95 -9.66 -18.31
C MET A 302 8.35 -8.36 -17.86
N VAL A 303 8.26 -7.42 -18.77
CA VAL A 303 7.67 -6.13 -18.46
C VAL A 303 6.65 -5.76 -19.47
N LYS A 304 5.50 -5.31 -18.98
CA LYS A 304 4.40 -4.90 -19.84
C LYS A 304 4.73 -3.65 -20.61
N CYS A 305 5.53 -3.81 -21.62
CA CYS A 305 5.94 -2.71 -22.45
C CYS A 305 6.29 -3.20 -23.81
N ASP A 306 5.44 -2.90 -24.77
CA ASP A 306 5.66 -3.34 -26.13
C ASP A 306 6.84 -2.63 -26.71
N PRO A 307 8.00 -3.27 -26.69
CA PRO A 307 9.30 -2.73 -27.10
C PRO A 307 9.28 -2.06 -28.46
N ARG A 308 8.30 -2.40 -29.30
CA ARG A 308 8.24 -1.84 -30.63
C ARG A 308 7.88 -0.38 -30.61
N HIS A 309 7.36 0.08 -29.48
CA HIS A 309 6.99 1.47 -29.34
C HIS A 309 8.19 2.37 -29.25
N GLY A 310 9.35 1.82 -28.91
CA GLY A 310 10.55 2.63 -28.76
C GLY A 310 11.72 2.02 -29.48
N LYS A 311 12.90 2.41 -29.09
CA LYS A 311 14.09 1.86 -29.69
C LYS A 311 14.99 1.32 -28.64
N TYR A 312 15.88 0.47 -29.05
CA TYR A 312 16.79 -0.13 -28.13
C TYR A 312 18.02 0.69 -27.97
N MET A 313 18.48 0.77 -26.75
CA MET A 313 19.68 1.48 -26.43
C MET A 313 20.82 0.53 -26.26
N ALA A 314 20.57 -0.55 -25.54
CA ALA A 314 21.59 -1.56 -25.37
C ALA A 314 21.00 -2.88 -24.94
N CYS A 315 21.51 -3.95 -25.49
CA CYS A 315 21.09 -5.27 -25.10
C CYS A 315 22.23 -6.09 -24.61
N CYS A 316 21.94 -6.98 -23.68
CA CYS A 316 22.94 -7.86 -23.19
C CYS A 316 22.41 -9.26 -23.13
N LEU A 317 23.11 -10.17 -23.75
CA LEU A 317 22.65 -11.52 -23.82
C LEU A 317 23.50 -12.43 -23.01
N LEU A 318 22.88 -13.27 -22.22
CA LEU A 318 23.60 -14.23 -21.44
C LEU A 318 23.19 -15.62 -21.80
N TYR A 319 24.08 -16.34 -22.44
CA TYR A 319 23.79 -17.68 -22.87
C TYR A 319 24.32 -18.67 -21.87
N ARG A 320 23.54 -19.70 -21.62
CA ARG A 320 23.98 -20.76 -20.75
C ARG A 320 23.90 -22.08 -21.41
N GLY A 321 24.87 -22.92 -21.15
CA GLY A 321 24.83 -24.29 -21.62
C GLY A 321 25.43 -24.47 -23.00
N ASP A 322 24.79 -25.33 -23.78
CA ASP A 322 25.31 -25.75 -25.06
C ASP A 322 25.13 -24.73 -26.16
N VAL A 323 26.03 -23.77 -26.22
CA VAL A 323 25.98 -22.80 -27.28
C VAL A 323 27.30 -22.70 -28.00
N VAL A 324 27.25 -22.20 -29.23
CA VAL A 324 28.44 -22.07 -30.05
C VAL A 324 28.62 -20.65 -30.53
N PRO A 325 29.60 -19.94 -29.98
CA PRO A 325 29.98 -18.57 -30.37
C PRO A 325 29.53 -18.17 -31.77
N LYS A 326 29.90 -18.96 -32.77
CA LYS A 326 29.60 -18.61 -34.15
C LYS A 326 28.12 -18.63 -34.43
N ASP A 327 27.42 -19.56 -33.83
CA ASP A 327 26.00 -19.65 -34.00
C ASP A 327 25.33 -18.48 -33.35
N VAL A 328 25.86 -18.08 -32.22
CA VAL A 328 25.35 -16.96 -31.51
C VAL A 328 25.48 -15.73 -32.33
N ASN A 329 26.66 -15.55 -32.92
CA ASN A 329 26.92 -14.40 -33.74
C ASN A 329 25.97 -14.33 -34.89
N ALA A 330 25.74 -15.47 -35.52
CA ALA A 330 24.84 -15.54 -36.64
C ALA A 330 23.46 -15.10 -36.25
N ALA A 331 23.00 -15.59 -35.11
CA ALA A 331 21.68 -15.25 -34.65
C ALA A 331 21.54 -13.76 -34.46
N ILE A 332 22.55 -13.17 -33.84
CA ILE A 332 22.52 -11.75 -33.58
C ILE A 332 22.50 -10.96 -34.84
N ALA A 333 23.30 -11.35 -35.80
CA ALA A 333 23.32 -10.67 -37.07
C ALA A 333 21.93 -10.63 -37.66
N THR A 334 21.22 -11.74 -37.56
CA THR A 334 19.86 -11.80 -38.03
C THR A 334 18.99 -10.80 -37.31
N ILE A 335 19.17 -10.73 -36.00
CA ILE A 335 18.40 -9.78 -35.21
C ILE A 335 18.64 -8.37 -35.68
N LYS A 336 19.89 -8.06 -35.99
CA LYS A 336 20.21 -6.74 -36.50
C LYS A 336 19.49 -6.48 -37.80
N THR A 337 19.38 -7.50 -38.63
CA THR A 337 18.69 -7.37 -39.90
C THR A 337 17.24 -7.04 -39.72
N LYS A 338 16.59 -7.73 -38.79
CA LYS A 338 15.19 -7.49 -38.48
C LYS A 338 14.90 -6.02 -38.24
N ARG A 339 14.58 -5.31 -39.31
CA ARG A 339 14.27 -3.87 -39.24
C ARG A 339 13.10 -3.51 -38.33
N ILE A 341 13.09 -4.22 -35.37
CA ILE A 341 13.80 -3.89 -34.17
C ILE A 341 14.66 -2.69 -34.41
N GLN A 342 14.32 -1.59 -33.78
CA GLN A 342 15.03 -0.35 -33.98
C GLN A 342 15.99 -0.06 -32.89
N PHE A 343 17.10 0.55 -33.24
CA PHE A 343 18.10 0.99 -32.31
C PHE A 343 18.38 2.45 -32.46
N VAL A 344 18.74 3.09 -31.39
CA VAL A 344 19.03 4.51 -31.45
C VAL A 344 20.32 4.75 -32.21
N ASP A 345 20.40 5.90 -32.84
CA ASP A 345 21.58 6.25 -33.63
C ASP A 345 22.80 6.40 -32.78
N TRP A 346 22.60 6.71 -31.50
CA TRP A 346 23.67 6.83 -30.56
C TRP A 346 24.45 5.53 -30.39
N CYS A 347 23.85 4.42 -30.80
CA CYS A 347 24.48 3.13 -30.66
C CYS A 347 24.78 2.52 -32.02
N PRO A 348 25.92 1.87 -32.14
CA PRO A 348 26.27 1.23 -33.40
C PRO A 348 26.41 -0.26 -33.24
N THR A 349 26.56 -0.71 -32.00
CA THR A 349 26.69 -2.13 -31.72
C THR A 349 25.42 -2.63 -31.07
N GLY A 350 25.33 -2.47 -29.76
CA GLY A 350 24.11 -2.77 -29.04
C GLY A 350 24.07 -4.17 -28.49
N PHE A 351 25.08 -4.96 -28.75
CA PHE A 351 25.08 -6.31 -28.26
C PHE A 351 26.32 -6.68 -27.54
N LYS A 352 26.18 -6.94 -26.26
CA LYS A 352 27.27 -7.48 -25.49
C LYS A 352 26.85 -8.83 -25.02
N VAL A 353 27.68 -9.83 -25.25
CA VAL A 353 27.27 -11.19 -25.03
C VAL A 353 28.15 -11.97 -24.12
N GLY A 354 27.53 -12.66 -23.19
CA GLY A 354 28.24 -13.55 -22.31
C GLY A 354 27.83 -14.97 -22.57
N ILE A 355 28.75 -15.88 -22.35
CA ILE A 355 28.49 -17.29 -22.52
C ILE A 355 29.00 -18.08 -21.37
N ASN A 356 28.12 -18.83 -20.72
CA ASN A 356 28.52 -19.64 -19.62
C ASN A 356 28.28 -21.08 -19.91
N TYR A 357 29.23 -21.93 -19.56
CA TYR A 357 29.16 -23.33 -19.89
C TYR A 357 28.09 -24.05 -19.10
N GLN A 358 27.86 -23.59 -17.90
CA GLN A 358 26.91 -24.24 -17.02
C GLN A 358 25.50 -24.02 -17.50
N PRO A 359 24.86 -25.04 -18.07
CA PRO A 359 23.51 -25.00 -18.50
C PRO A 359 22.62 -24.74 -17.34
N PRO A 360 21.40 -24.34 -17.60
CA PRO A 360 20.31 -24.15 -16.70
C PRO A 360 20.01 -25.42 -15.99
N THR A 361 19.51 -25.30 -14.78
CA THR A 361 19.09 -26.47 -14.05
C THR A 361 17.59 -26.48 -13.93
N VAL A 362 17.08 -27.32 -13.08
CA VAL A 362 15.65 -27.39 -12.87
C VAL A 362 15.35 -27.77 -11.46
N VAL A 363 14.39 -27.09 -10.87
CA VAL A 363 14.04 -27.36 -9.51
C VAL A 363 12.93 -28.39 -9.42
N PRO A 364 13.20 -29.53 -8.76
CA PRO A 364 12.27 -30.58 -8.43
C PRO A 364 10.93 -30.02 -8.03
N GLY A 365 9.89 -30.43 -8.72
CA GLY A 365 8.55 -29.96 -8.41
C GLY A 365 8.22 -28.64 -9.09
N GLY A 366 9.13 -28.15 -9.92
CA GLY A 366 8.92 -26.92 -10.65
C GLY A 366 8.03 -27.15 -11.86
N ASP A 367 7.68 -26.08 -12.53
CA ASP A 367 6.81 -26.16 -13.69
C ASP A 367 7.51 -25.74 -14.97
N LEU A 368 8.83 -25.87 -14.98
CA LEU A 368 9.62 -25.48 -16.14
C LEU A 368 10.50 -26.62 -16.61
N ALA A 369 10.37 -26.97 -17.89
CA ALA A 369 11.16 -28.06 -18.44
C ALA A 369 12.63 -27.74 -18.48
N LYS A 370 13.47 -28.75 -18.26
CA LYS A 370 14.90 -28.56 -18.32
C LYS A 370 15.37 -28.49 -19.75
N VAL A 371 16.27 -27.56 -20.03
CA VAL A 371 16.77 -27.38 -21.35
C VAL A 371 18.27 -27.51 -21.41
N GLN A 372 18.80 -27.67 -22.61
CA GLN A 372 20.23 -27.80 -22.81
C GLN A 372 20.89 -26.47 -22.96
N ARG A 373 20.10 -25.42 -23.10
CA ARG A 373 20.63 -24.11 -23.29
C ARG A 373 19.56 -23.06 -23.08
N ALA A 374 19.95 -21.88 -22.64
CA ALA A 374 18.98 -20.82 -22.37
C ALA A 374 19.59 -19.45 -22.48
N VAL A 375 18.73 -18.45 -22.65
CA VAL A 375 19.19 -17.11 -22.81
C VAL A 375 18.49 -16.13 -21.94
N CYS A 376 19.25 -15.39 -21.18
CA CYS A 376 18.71 -14.33 -20.40
C CYS A 376 19.08 -13.02 -21.02
N MET A 377 18.12 -12.15 -21.20
CA MET A 377 18.44 -10.89 -21.84
C MET A 377 18.07 -9.71 -21.03
N LEU A 378 18.99 -8.79 -20.96
CA LEU A 378 18.75 -7.53 -20.32
C LEU A 378 18.66 -6.49 -21.39
N SER A 379 17.76 -5.54 -21.23
CA SER A 379 17.59 -4.60 -22.30
C SER A 379 17.24 -3.22 -21.87
N ASN A 380 18.06 -2.29 -22.27
CA ASN A 380 17.79 -0.90 -22.03
C ASN A 380 17.11 -0.33 -23.24
N THR A 381 15.87 0.09 -23.08
CA THR A 381 15.10 0.62 -24.20
C THR A 381 14.32 1.84 -23.84
N THR A 382 14.11 2.68 -24.83
CA THR A 382 13.40 3.92 -24.62
C THR A 382 11.93 3.67 -24.48
N ALA A 383 11.50 2.47 -24.87
CA ALA A 383 10.11 2.12 -24.79
C ALA A 383 9.59 2.24 -23.35
N ILE A 384 10.47 2.03 -22.38
CA ILE A 384 10.08 2.09 -20.98
C ILE A 384 9.50 3.42 -20.59
N ALA A 385 9.81 4.46 -21.36
CA ALA A 385 9.31 5.79 -21.07
C ALA A 385 7.82 5.78 -20.96
N GLU A 386 7.17 4.93 -21.74
CA GLU A 386 5.74 4.79 -21.69
C GLU A 386 5.29 4.46 -20.30
N ALA A 387 5.92 3.45 -19.72
CA ALA A 387 5.57 3.02 -18.40
C ALA A 387 5.73 4.13 -17.41
N TRP A 388 6.80 4.90 -17.55
CA TRP A 388 7.04 5.98 -16.64
C TRP A 388 5.97 7.02 -16.75
N ALA A 389 5.53 7.27 -17.97
CA ALA A 389 4.48 8.24 -18.19
C ALA A 389 3.21 7.81 -17.51
N ARG A 390 2.89 6.53 -17.65
CA ARG A 390 1.69 5.99 -17.04
C ARG A 390 1.72 6.20 -15.56
N LEU A 391 2.86 5.92 -14.97
CA LEU A 391 3.03 6.07 -13.57
C LEU A 391 2.82 7.48 -13.14
N ASP A 392 3.49 8.39 -13.81
CA ASP A 392 3.40 9.79 -13.48
C ASP A 392 1.99 10.29 -13.60
N HIS A 393 1.28 9.82 -14.61
CA HIS A 393 -0.08 10.22 -14.80
C HIS A 393 -0.93 9.84 -13.63
N LYS A 394 -0.80 8.60 -13.19
CA LYS A 394 -1.57 8.13 -12.07
C LYS A 394 -1.31 8.98 -10.86
N PHE A 395 -0.04 9.30 -10.66
CA PHE A 395 0.36 10.14 -9.57
C PHE A 395 -0.33 11.44 -9.60
N ASP A 396 -0.31 12.09 -10.75
CA ASP A 396 -0.90 13.38 -10.88
C ASP A 396 -2.33 13.39 -10.45
N LEU A 397 -3.07 12.39 -10.86
CA LEU A 397 -4.47 12.34 -10.55
C LEU A 397 -4.73 12.29 -9.07
N MET A 398 -3.98 11.46 -8.37
CA MET A 398 -4.19 11.31 -6.95
C MET A 398 -3.67 12.51 -6.20
N TYR A 399 -2.53 13.00 -6.61
CA TYR A 399 -1.92 14.11 -5.94
C TYR A 399 -2.75 15.34 -6.02
N ALA A 400 -3.35 15.59 -7.17
CA ALA A 400 -4.17 16.78 -7.35
C ALA A 400 -5.16 16.98 -6.21
N LYS A 401 -5.94 15.94 -5.91
CA LYS A 401 -6.89 16.03 -4.80
C LYS A 401 -6.19 15.86 -3.45
N ARG A 402 -4.96 15.38 -3.48
CA ARG A 402 -4.16 15.10 -2.29
C ARG A 402 -4.68 13.89 -1.58
N ALA A 403 -5.05 12.89 -2.34
CA ALA A 403 -5.54 11.68 -1.76
C ALA A 403 -4.47 11.00 -0.99
N PHE A 404 -4.81 10.53 0.18
CA PHE A 404 -3.91 9.79 1.03
C PHE A 404 -2.64 10.57 1.46
N VAL A 405 -2.55 11.85 1.13
CA VAL A 405 -1.34 12.57 1.41
C VAL A 405 -1.10 12.72 2.88
N HIS A 406 -2.17 12.86 3.63
CA HIS A 406 -2.06 13.04 5.06
C HIS A 406 -1.37 11.88 5.74
N TRP A 407 -1.33 10.72 5.10
CA TRP A 407 -0.65 9.59 5.69
C TRP A 407 0.83 9.76 5.65
N TYR A 408 1.31 10.57 4.72
CA TYR A 408 2.71 10.76 4.58
C TYR A 408 3.15 11.93 5.37
N VAL A 409 2.36 12.97 5.33
CA VAL A 409 2.65 14.17 6.08
C VAL A 409 2.65 13.89 7.55
N GLY A 410 1.73 13.05 7.98
CA GLY A 410 1.66 12.66 9.38
C GLY A 410 2.91 11.90 9.83
N GLU A 411 3.71 11.40 8.89
CA GLU A 411 4.92 10.70 9.21
C GLU A 411 6.13 11.59 9.01
N GLY A 412 5.92 12.89 8.85
CA GLY A 412 7.02 13.82 8.75
C GLY A 412 7.44 14.16 7.33
N MET A 413 6.76 13.60 6.35
CA MET A 413 7.12 13.93 4.98
C MET A 413 6.69 15.33 4.64
N GLU A 414 7.49 15.99 3.82
CA GLU A 414 7.16 17.34 3.40
C GLU A 414 6.28 17.30 2.18
N GLU A 415 5.20 18.04 2.17
CA GLU A 415 4.32 18.05 1.01
C GLU A 415 5.10 18.42 -0.27
N GLY A 416 5.94 19.44 -0.16
CA GLY A 416 6.77 19.88 -1.26
C GLY A 416 7.66 18.77 -1.80
N GLU A 417 7.95 17.79 -0.97
CA GLU A 417 8.75 16.65 -1.36
C GLU A 417 8.10 15.89 -2.49
N PHE A 418 6.77 15.87 -2.52
CA PHE A 418 6.07 15.22 -3.59
C PHE A 418 6.26 15.98 -4.84
N SER A 419 6.17 17.29 -4.73
CA SER A 419 6.37 18.14 -5.87
C SER A 419 7.74 17.93 -6.45
N GLU A 420 8.71 17.89 -5.58
CA GLU A 420 10.09 17.66 -5.95
C GLU A 420 10.25 16.40 -6.74
N ALA A 421 9.73 15.32 -6.20
CA ALA A 421 9.84 14.04 -6.84
C ALA A 421 9.24 14.05 -8.21
N ARG A 422 8.05 14.60 -8.31
CA ARG A 422 7.35 14.67 -9.57
C ARG A 422 8.14 15.43 -10.59
N GLU A 423 8.72 16.54 -10.15
CA GLU A 423 9.54 17.35 -11.01
C GLU A 423 10.63 16.54 -11.63
N ASP A 424 11.34 15.79 -10.80
CA ASP A 424 12.42 14.97 -11.29
C ASP A 424 11.94 13.91 -12.24
N MET A 425 10.78 13.34 -11.96
CA MET A 425 10.23 12.33 -12.84
C MET A 425 9.91 12.88 -14.18
N ALA A 426 9.45 14.12 -14.22
CA ALA A 426 9.18 14.75 -15.48
C ALA A 426 10.43 14.83 -16.28
N ALA A 427 11.51 15.22 -15.63
CA ALA A 427 12.78 15.31 -16.28
C ALA A 427 13.22 13.97 -16.80
N LEU A 428 13.02 12.93 -16.02
CA LEU A 428 13.40 11.60 -16.42
C LEU A 428 12.73 11.20 -17.69
N GLU A 429 11.43 11.39 -17.76
CA GLU A 429 10.70 11.06 -18.95
C GLU A 429 11.26 11.82 -20.12
N LYS A 430 11.48 13.10 -19.92
CA LYS A 430 12.06 13.94 -20.94
C LYS A 430 13.38 13.40 -21.44
N ASP A 431 14.20 12.89 -20.51
CA ASP A 431 15.47 12.34 -20.88
C ASP A 431 15.32 11.27 -21.92
N TYR A 432 14.38 10.37 -21.70
CA TYR A 432 14.15 9.30 -22.65
C TYR A 432 13.77 9.83 -23.99
N GLU A 433 12.94 10.85 -23.99
CA GLU A 433 12.54 11.48 -25.21
C GLU A 433 13.73 11.97 -25.98
N GLU A 434 14.63 12.66 -25.28
CA GLU A 434 15.80 13.21 -25.91
C GLU A 434 16.69 12.14 -26.49
N VAL A 435 16.86 11.05 -25.77
CA VAL A 435 17.69 9.98 -26.25
C VAL A 435 17.19 9.43 -27.56
N GLY A 436 15.88 9.25 -27.67
CA GLY A 436 15.30 8.71 -28.88
C GLY A 436 15.14 9.74 -30.02
N VAL A 437 15.77 10.91 -29.88
CA VAL A 437 15.68 11.95 -30.90
C VAL A 437 16.23 11.56 -32.26
N ASP A 438 17.08 10.53 -32.31
CA ASP A 438 17.70 10.08 -33.57
C ASP A 438 18.73 11.08 -34.04
N SER A 439 19.66 11.39 -33.15
CA SER A 439 20.70 12.39 -33.41
C SER A 439 21.17 12.39 -34.84
N VAL A 440 21.01 13.53 -35.49
CA VAL A 440 21.44 13.72 -36.85
C VAL A 440 21.78 15.17 -37.08
N GLU A 441 22.82 15.41 -37.87
CA GLU A 441 23.26 16.77 -38.17
C GLU A 441 22.10 17.62 -38.67
N MET B 1 5.85 -9.59 18.22
CA MET B 1 4.49 -9.64 17.70
C MET B 1 3.74 -8.36 17.99
N ARG B 2 2.58 -8.22 17.38
CA ARG B 2 1.75 -7.06 17.62
C ARG B 2 0.47 -7.47 18.25
N GLU B 3 -0.02 -6.65 19.16
CA GLU B 3 -1.16 -7.03 19.95
C GLU B 3 -2.33 -6.11 19.79
N ILE B 4 -3.52 -6.69 19.88
CA ILE B 4 -4.76 -5.95 19.79
C ILE B 4 -5.59 -6.05 21.03
N VAL B 5 -6.09 -4.92 21.50
CA VAL B 5 -6.99 -4.89 22.63
C VAL B 5 -8.42 -4.86 22.16
N HIS B 6 -9.21 -5.83 22.60
CA HIS B 6 -10.60 -5.89 22.17
C HIS B 6 -11.53 -5.40 23.23
N ILE B 7 -12.11 -4.25 22.99
CA ILE B 7 -13.06 -3.69 23.92
C ILE B 7 -14.46 -3.91 23.46
N GLN B 8 -15.30 -4.37 24.37
CA GLN B 8 -16.69 -4.59 24.07
C GLN B 8 -17.52 -3.66 24.91
N ALA B 9 -18.49 -3.02 24.30
CA ALA B 9 -19.28 -2.07 25.06
C ALA B 9 -20.74 -2.12 24.70
N GLY B 10 -21.58 -2.17 25.72
CA GLY B 10 -23.01 -2.16 25.54
C GLY B 10 -23.52 -3.56 25.41
N GLN B 11 -24.83 -3.74 25.58
CA GLN B 11 -25.41 -5.06 25.47
C GLN B 11 -25.07 -5.70 24.16
N CYS B 12 -25.31 -4.96 23.10
CA CYS B 12 -25.02 -5.42 21.77
C CYS B 12 -23.59 -5.78 21.63
N GLY B 13 -22.73 -4.87 22.01
CA GLY B 13 -21.31 -5.07 21.85
C GLY B 13 -20.86 -6.33 22.53
N ASN B 14 -21.35 -6.56 23.71
CA ASN B 14 -20.95 -7.70 24.47
C ASN B 14 -21.46 -8.97 23.87
N GLN B 15 -22.68 -8.96 23.37
CA GLN B 15 -23.24 -10.14 22.77
C GLN B 15 -22.50 -10.52 21.51
N ILE B 16 -22.14 -9.52 20.73
CA ILE B 16 -21.37 -9.76 19.53
C ILE B 16 -20.03 -10.28 19.88
N GLY B 17 -19.40 -9.65 20.84
CA GLY B 17 -18.08 -10.04 21.27
C GLY B 17 -18.05 -11.47 21.76
N ALA B 18 -19.08 -11.87 22.48
CA ALA B 18 -19.16 -13.23 22.96
C ALA B 18 -19.04 -14.18 21.81
N LYS B 19 -19.78 -13.91 20.75
CA LYS B 19 -19.72 -14.74 19.58
C LYS B 19 -18.39 -14.64 18.89
N PHE B 20 -17.84 -13.44 18.86
CA PHE B 20 -16.55 -13.21 18.25
C PHE B 20 -15.49 -14.08 18.86
N TRP B 21 -15.42 -14.07 20.17
CA TRP B 21 -14.42 -14.84 20.84
C TRP B 21 -14.62 -16.30 20.67
N GLU B 22 -15.87 -16.73 20.57
CA GLU B 22 -16.14 -18.10 20.25
C GLU B 22 -15.46 -18.48 18.96
N VAL B 23 -15.64 -17.64 17.95
CA VAL B 23 -15.06 -17.89 16.66
C VAL B 23 -13.56 -17.92 16.71
N ILE B 24 -12.97 -16.94 17.37
CA ILE B 24 -11.54 -16.85 17.38
C ILE B 24 -10.92 -18.01 18.09
N SER B 25 -11.48 -18.36 19.25
CA SER B 25 -10.99 -19.50 19.99
C SER B 25 -11.06 -20.73 19.17
N ASP B 26 -12.14 -20.89 18.44
CA ASP B 26 -12.27 -22.03 17.58
C ASP B 26 -11.14 -22.10 16.60
N GLU B 27 -10.83 -20.99 15.95
CA GLU B 27 -9.79 -20.99 14.95
C GLU B 27 -8.42 -21.30 15.51
N HIS B 28 -8.18 -20.95 16.76
CA HIS B 28 -6.88 -21.22 17.35
C HIS B 28 -6.85 -22.47 18.20
N GLY B 29 -7.90 -23.27 18.15
CA GLY B 29 -7.90 -24.53 18.88
C GLY B 29 -8.03 -24.33 20.39
N ILE B 30 -8.54 -23.20 20.80
CA ILE B 30 -8.71 -22.93 22.20
C ILE B 30 -10.07 -23.35 22.65
N ASP B 31 -10.11 -24.20 23.67
CA ASP B 31 -11.39 -24.67 24.16
C ASP B 31 -11.94 -23.69 25.18
N PRO B 32 -13.09 -23.98 25.76
CA PRO B 32 -13.75 -23.10 26.70
C PRO B 32 -12.99 -22.87 27.98
N THR B 33 -12.05 -23.76 28.31
CA THR B 33 -11.29 -23.60 29.53
C THR B 33 -10.03 -22.81 29.28
N GLY B 34 -9.79 -22.43 28.03
CA GLY B 34 -8.62 -21.69 27.66
C GLY B 34 -7.44 -22.60 27.37
N SER B 35 -7.70 -23.90 27.27
CA SER B 35 -6.64 -24.85 27.01
C SER B 35 -6.46 -25.07 25.53
N TYR B 36 -5.20 -25.19 25.11
CA TYR B 36 -4.89 -25.32 23.70
C TYR B 36 -4.92 -26.74 23.22
N HIS B 37 -5.74 -26.99 22.22
CA HIS B 37 -5.84 -28.30 21.63
C HIS B 37 -5.89 -28.18 20.13
N GLY B 38 -5.03 -27.36 19.58
CA GLY B 38 -5.02 -27.13 18.14
C GLY B 38 -4.26 -28.21 17.41
N ASP B 39 -4.25 -28.12 16.08
CA ASP B 39 -3.59 -29.09 15.25
C ASP B 39 -2.37 -28.51 14.56
N SER B 40 -2.44 -27.25 14.18
CA SER B 40 -1.35 -26.60 13.49
C SER B 40 -0.57 -25.73 14.41
N ASP B 41 0.74 -25.70 14.19
CA ASP B 41 1.59 -24.86 14.98
C ASP B 41 1.29 -23.40 14.76
N LEU B 42 0.68 -23.06 13.64
CA LEU B 42 0.34 -21.69 13.34
C LEU B 42 -0.68 -21.15 14.30
N GLN B 43 -1.59 -22.01 14.73
CA GLN B 43 -2.65 -21.61 15.61
C GLN B 43 -2.12 -21.05 16.87
N LEU B 44 -1.09 -21.70 17.37
CA LEU B 44 -0.47 -21.29 18.57
C LEU B 44 0.55 -20.21 18.36
N GLU B 45 1.38 -20.38 17.33
CA GLU B 45 2.51 -19.50 17.08
C GLU B 45 2.20 -18.03 17.22
N ARG B 46 1.13 -17.58 16.59
CA ARG B 46 0.83 -16.17 16.61
C ARG B 46 -0.40 -15.86 17.41
N ILE B 47 -0.72 -16.73 18.36
CA ILE B 47 -1.89 -16.56 19.19
C ILE B 47 -1.84 -15.28 19.99
N ASN B 48 -0.63 -14.79 20.23
CA ASN B 48 -0.38 -13.60 21.00
C ASN B 48 -1.18 -12.40 20.54
N VAL B 49 -1.53 -12.35 19.27
CA VAL B 49 -2.29 -11.23 18.73
C VAL B 49 -3.51 -10.92 19.55
N TYR B 50 -4.15 -11.95 20.07
CA TYR B 50 -5.33 -11.76 20.87
C TYR B 50 -5.23 -12.30 22.28
N TYR B 51 -4.63 -13.47 22.44
CA TYR B 51 -4.62 -14.09 23.74
C TYR B 51 -3.38 -13.83 24.49
N ASN B 52 -3.49 -13.76 25.79
CA ASN B 52 -2.35 -13.64 26.63
C ASN B 52 -2.10 -14.93 27.36
N GLU B 53 -1.06 -15.63 26.98
CA GLU B 53 -0.71 -16.88 27.64
C GLU B 53 -0.49 -16.62 29.11
N ALA B 54 -1.52 -16.88 29.90
CA ALA B 54 -1.46 -16.63 31.33
C ALA B 54 -0.47 -17.53 32.02
N ALA B 55 -0.79 -18.79 32.10
CA ALA B 55 0.05 -19.74 32.80
C ALA B 55 -0.27 -21.12 32.38
N GLY B 56 0.71 -21.99 32.45
CA GLY B 56 0.50 -23.34 31.99
C GLY B 56 0.13 -23.28 30.54
N ASN B 57 -0.99 -23.87 30.20
CA ASN B 57 -1.48 -23.81 28.86
C ASN B 57 -2.77 -23.03 28.78
N LYS B 58 -2.97 -22.12 29.72
CA LYS B 58 -4.19 -21.36 29.74
C LYS B 58 -4.00 -20.01 29.13
N TYR B 59 -4.78 -19.76 28.07
CA TYR B 59 -4.72 -18.51 27.34
C TYR B 59 -5.91 -17.65 27.65
N VAL B 60 -5.67 -16.38 27.87
CA VAL B 60 -6.74 -15.49 28.21
C VAL B 60 -6.92 -14.38 27.22
N PRO B 61 -7.92 -14.48 26.36
CA PRO B 61 -8.26 -13.44 25.41
C PRO B 61 -8.18 -12.09 26.06
N ARG B 62 -7.37 -11.21 25.51
CA ARG B 62 -7.24 -9.88 26.06
C ARG B 62 -8.38 -9.01 25.64
N ALA B 63 -9.49 -9.16 26.32
CA ALA B 63 -10.66 -8.38 26.04
C ALA B 63 -11.17 -7.71 27.26
N ILE B 64 -11.81 -6.59 27.08
CA ILE B 64 -12.40 -5.85 28.15
C ILE B 64 -13.85 -5.67 27.90
N LEU B 65 -14.67 -6.03 28.87
CA LEU B 65 -16.08 -5.94 28.69
C LEU B 65 -16.63 -4.83 29.54
N VAL B 66 -17.42 -3.97 28.93
CA VAL B 66 -17.94 -2.82 29.63
C VAL B 66 -19.42 -2.62 29.46
N ASP B 67 -20.09 -2.36 30.57
CA ASP B 67 -21.49 -1.97 30.52
C ASP B 67 -21.84 -1.15 31.74
N LEU B 68 -22.86 -0.34 31.62
CA LEU B 68 -23.26 0.50 32.72
C LEU B 68 -23.98 -0.27 33.79
N GLU B 69 -24.56 -1.39 33.40
CA GLU B 69 -25.30 -2.22 34.32
C GLU B 69 -25.11 -3.67 33.99
N PRO B 70 -25.29 -4.55 34.96
CA PRO B 70 -25.25 -5.99 34.92
C PRO B 70 -26.45 -6.53 34.20
N GLY B 71 -26.55 -7.85 34.15
CA GLY B 71 -27.65 -8.51 33.46
C GLY B 71 -27.33 -8.77 32.00
N THR B 72 -26.14 -8.37 31.58
CA THR B 72 -25.69 -8.56 30.22
C THR B 72 -24.40 -9.31 30.26
N MET B 73 -23.41 -8.67 30.81
CA MET B 73 -22.13 -9.25 31.06
C MET B 73 -22.26 -10.48 31.94
N ASP B 74 -23.24 -10.45 32.81
CA ASP B 74 -23.55 -11.60 33.62
C ASP B 74 -23.87 -12.79 32.79
N SER B 75 -24.72 -12.60 31.79
CA SER B 75 -25.12 -13.70 30.94
C SER B 75 -23.94 -14.19 30.15
N VAL B 76 -23.04 -13.27 29.82
CA VAL B 76 -21.83 -13.66 29.13
C VAL B 76 -21.03 -14.61 29.99
N ARG B 77 -20.88 -14.27 31.26
CA ARG B 77 -20.13 -15.11 32.17
C ARG B 77 -20.81 -16.44 32.42
N SER B 78 -22.12 -16.48 32.27
CA SER B 78 -22.85 -17.72 32.42
C SER B 78 -22.77 -18.58 31.17
N GLY B 79 -22.26 -18.03 30.07
CA GLY B 79 -22.23 -18.74 28.81
C GLY B 79 -21.02 -19.64 28.70
N PRO B 80 -20.96 -20.41 27.61
CA PRO B 80 -19.97 -21.41 27.22
C PRO B 80 -18.55 -20.94 27.44
N PHE B 81 -18.27 -19.71 27.07
CA PHE B 81 -16.93 -19.18 27.19
C PHE B 81 -16.78 -18.16 28.28
N GLY B 82 -17.73 -18.09 29.19
CA GLY B 82 -17.64 -17.10 30.25
C GLY B 82 -16.35 -17.26 31.05
N GLN B 83 -15.99 -18.49 31.36
CA GLN B 83 -14.84 -18.79 32.16
C GLN B 83 -13.52 -18.57 31.43
N ILE B 84 -13.55 -18.34 30.13
CA ILE B 84 -12.32 -18.12 29.42
C ILE B 84 -11.80 -16.74 29.70
N PHE B 85 -12.66 -15.87 30.17
CA PHE B 85 -12.27 -14.52 30.42
C PHE B 85 -11.79 -14.35 31.81
N ARG B 86 -10.87 -13.43 31.98
CA ARG B 86 -10.38 -13.09 33.29
C ARG B 86 -11.30 -12.11 33.98
N PRO B 87 -12.02 -12.57 35.02
CA PRO B 87 -12.95 -11.81 35.88
C PRO B 87 -12.62 -10.33 36.00
N ASP B 88 -11.35 -10.02 36.15
CA ASP B 88 -10.92 -8.66 36.39
C ASP B 88 -11.09 -7.75 35.17
N ASN B 89 -11.46 -8.33 34.04
CA ASN B 89 -11.67 -7.57 32.84
C ASN B 89 -13.15 -7.29 32.61
N PHE B 90 -13.97 -7.58 33.61
CA PHE B 90 -15.38 -7.27 33.54
C PHE B 90 -15.65 -6.04 34.34
N VAL B 91 -15.83 -4.94 33.67
CA VAL B 91 -16.02 -3.69 34.33
C VAL B 91 -17.40 -3.15 34.07
N PHE B 92 -18.19 -3.02 35.11
CA PHE B 92 -19.52 -2.50 34.94
C PHE B 92 -20.05 -1.83 36.17
N GLY B 93 -21.01 -0.95 35.97
CA GLY B 93 -21.61 -0.20 37.07
C GLY B 93 -22.89 -0.85 37.55
N GLN B 94 -23.71 -0.07 38.22
CA GLN B 94 -25.00 -0.54 38.72
C GLN B 94 -26.10 0.42 38.37
N SER B 95 -26.06 0.94 37.16
CA SER B 95 -27.08 1.88 36.74
C SER B 95 -27.30 1.79 35.28
N GLY B 96 -28.48 2.09 34.84
CA GLY B 96 -28.75 2.00 33.43
C GLY B 96 -28.66 3.34 32.77
N ALA B 97 -29.18 3.40 31.58
CA ALA B 97 -29.26 4.61 30.81
C ALA B 97 -30.02 4.31 29.59
N GLY B 98 -31.33 4.15 29.74
CA GLY B 98 -32.24 3.75 28.66
C GLY B 98 -32.00 4.52 27.40
N ASN B 99 -30.97 4.13 26.66
CA ASN B 99 -30.57 4.79 25.48
C ASN B 99 -30.43 6.27 25.70
N ASN B 100 -29.84 6.61 26.82
CA ASN B 100 -29.61 7.98 27.14
C ASN B 100 -28.18 8.30 26.92
N TRP B 101 -27.86 8.77 25.73
CA TRP B 101 -26.49 9.02 25.35
C TRP B 101 -25.80 9.90 26.32
N ALA B 102 -26.50 10.91 26.79
CA ALA B 102 -25.91 11.83 27.73
C ALA B 102 -25.39 11.09 28.92
N LYS B 103 -26.21 10.22 29.48
CA LYS B 103 -25.76 9.47 30.65
C LYS B 103 -24.54 8.69 30.35
N GLY B 104 -24.55 8.00 29.24
CA GLY B 104 -23.44 7.16 28.88
C GLY B 104 -22.16 7.95 28.68
N HIS B 105 -22.28 9.16 28.18
CA HIS B 105 -21.12 9.96 27.93
C HIS B 105 -20.89 11.02 28.97
N TYR B 106 -21.71 11.03 30.02
CA TYR B 106 -21.57 12.03 31.07
C TYR B 106 -21.87 11.47 32.45
N THR B 107 -23.03 11.82 32.96
CA THR B 107 -23.40 11.55 34.34
C THR B 107 -23.17 10.14 34.86
N GLU B 108 -23.17 9.15 33.99
CA GLU B 108 -22.93 7.80 34.45
C GLU B 108 -21.59 7.30 34.00
N GLY B 109 -21.34 7.46 32.71
CA GLY B 109 -20.12 6.96 32.11
C GLY B 109 -18.89 7.60 32.70
N ALA B 110 -18.97 8.88 33.03
CA ALA B 110 -17.83 9.60 33.59
C ALA B 110 -17.34 8.96 34.86
N GLU B 111 -18.18 8.21 35.53
CA GLU B 111 -17.77 7.54 36.73
C GLU B 111 -17.14 6.23 36.38
N LEU B 112 -17.84 5.46 35.57
CA LEU B 112 -17.39 4.13 35.22
C LEU B 112 -16.03 4.13 34.55
N VAL B 113 -15.86 5.03 33.59
CA VAL B 113 -14.62 5.14 32.81
C VAL B 113 -13.37 5.26 33.66
N ASP B 114 -13.50 5.81 34.86
CA ASP B 114 -12.36 5.99 35.73
C ASP B 114 -11.68 4.68 36.02
N SER B 115 -12.48 3.63 36.06
CA SER B 115 -11.98 2.30 36.18
C SER B 115 -11.51 1.89 34.83
N VAL B 116 -12.37 1.20 34.09
CA VAL B 116 -12.14 0.82 32.69
C VAL B 116 -10.75 1.12 32.15
N LEU B 117 -10.42 2.40 32.02
CA LEU B 117 -9.16 2.82 31.44
C LEU B 117 -7.98 2.24 32.16
N ASP B 118 -8.08 2.11 33.47
CA ASP B 118 -7.04 1.50 34.24
C ASP B 118 -6.77 0.11 33.76
N VAL B 119 -7.82 -0.63 33.47
CA VAL B 119 -7.67 -1.96 32.98
C VAL B 119 -7.04 -1.93 31.63
N VAL B 120 -7.48 -1.00 30.80
CA VAL B 120 -6.93 -0.85 29.48
C VAL B 120 -5.44 -0.66 29.55
N ARG B 121 -5.02 0.23 30.43
CA ARG B 121 -3.62 0.52 30.62
C ARG B 121 -2.85 -0.71 31.00
N LYS B 122 -3.40 -1.49 31.90
CA LYS B 122 -2.75 -2.70 32.31
C LYS B 122 -2.58 -3.64 31.15
N GLU B 123 -3.61 -3.76 30.33
CA GLU B 123 -3.54 -4.66 29.23
C GLU B 123 -2.52 -4.20 28.21
N SER B 124 -2.48 -2.90 27.98
CA SER B 124 -1.52 -2.36 27.03
C SER B 124 -0.11 -2.53 27.54
N GLU B 125 0.04 -2.49 28.85
CA GLU B 125 1.35 -2.65 29.45
C GLU B 125 1.88 -4.04 29.21
N SER B 126 1.00 -5.03 29.19
CA SER B 126 1.41 -6.40 28.96
C SER B 126 1.77 -6.68 27.50
N CYS B 127 1.57 -5.70 26.62
CA CYS B 127 1.84 -5.89 25.20
C CYS B 127 3.26 -5.50 24.85
N ASP B 128 3.77 -6.08 23.76
CA ASP B 128 5.10 -5.77 23.29
C ASP B 128 5.04 -4.72 22.22
N CYS B 129 4.07 -4.85 21.34
CA CYS B 129 3.83 -3.86 20.32
C CYS B 129 2.35 -3.71 20.11
N LEU B 130 1.78 -2.73 20.75
CA LEU B 130 0.37 -2.53 20.69
C LEU B 130 -0.09 -2.11 19.34
N GLN B 131 -0.56 -3.08 18.56
CA GLN B 131 -1.13 -2.83 17.24
C GLN B 131 -2.17 -1.75 17.27
N GLY B 132 -3.14 -1.92 18.15
CA GLY B 132 -4.21 -0.97 18.24
C GLY B 132 -5.37 -1.50 19.06
N PHE B 133 -6.53 -0.89 18.85
CA PHE B 133 -7.71 -1.23 19.61
C PHE B 133 -8.88 -1.52 18.71
N GLN B 134 -9.70 -2.44 19.15
CA GLN B 134 -10.94 -2.73 18.45
C GLN B 134 -12.08 -2.55 19.37
N LEU B 135 -13.06 -1.80 18.95
CA LEU B 135 -14.23 -1.58 19.78
C LEU B 135 -15.47 -2.10 19.14
N THR B 136 -16.14 -2.97 19.83
CA THR B 136 -17.40 -3.47 19.36
C THR B 136 -18.51 -2.77 20.11
N HIS B 137 -19.28 -1.95 19.41
CA HIS B 137 -20.31 -1.17 20.05
C HIS B 137 -21.46 -0.91 19.12
N SER B 138 -22.58 -0.49 19.68
CA SER B 138 -23.76 -0.25 18.88
C SER B 138 -24.21 1.18 18.97
N LEU B 139 -24.43 1.79 17.83
CA LEU B 139 -24.86 3.15 17.82
C LEU B 139 -26.28 3.25 18.25
N GLY B 140 -26.56 4.26 19.05
CA GLY B 140 -27.90 4.47 19.55
C GLY B 140 -28.05 3.93 20.95
N GLY B 141 -27.11 3.09 21.37
CA GLY B 141 -27.18 2.52 22.69
C GLY B 141 -26.64 3.48 23.71
N GLY B 142 -27.35 3.58 24.82
CA GLY B 142 -26.93 4.46 25.89
C GLY B 142 -25.50 4.15 26.31
N THR B 143 -25.19 2.87 26.44
CA THR B 143 -23.83 2.47 26.75
C THR B 143 -22.98 2.50 25.52
N GLY B 144 -23.33 1.67 24.55
CA GLY B 144 -22.57 1.50 23.32
C GLY B 144 -22.10 2.81 22.73
N SER B 145 -23.00 3.76 22.57
CA SER B 145 -22.63 5.02 22.01
C SER B 145 -22.05 5.93 23.05
N GLY B 146 -22.74 6.03 24.17
CA GLY B 146 -22.30 6.90 25.25
C GLY B 146 -20.87 6.58 25.69
N MET B 147 -20.71 5.44 26.34
CA MET B 147 -19.41 5.01 26.79
C MET B 147 -18.48 4.81 25.67
N GLY B 148 -18.98 4.19 24.60
CA GLY B 148 -18.16 3.94 23.44
C GLY B 148 -17.41 5.18 23.05
N THR B 149 -18.16 6.22 22.73
CA THR B 149 -17.60 7.47 22.30
C THR B 149 -16.60 7.98 23.29
N LEU B 150 -16.98 7.98 24.56
CA LEU B 150 -16.11 8.46 25.60
C LEU B 150 -14.79 7.77 25.61
N LEU B 151 -14.84 6.45 25.61
CA LEU B 151 -13.65 5.65 25.68
C LEU B 151 -12.75 5.88 24.55
N ILE B 152 -13.32 6.03 23.37
CA ILE B 152 -12.51 6.26 22.21
C ILE B 152 -11.67 7.49 22.37
N SER B 153 -12.31 8.57 22.79
CA SER B 153 -11.61 9.80 23.01
C SER B 153 -10.50 9.62 24.01
N LYS B 154 -10.81 9.00 25.12
CA LYS B 154 -9.87 8.82 26.18
C LYS B 154 -8.68 8.00 25.77
N ILE B 155 -8.92 7.00 24.93
CA ILE B 155 -7.82 6.17 24.49
C ILE B 155 -6.88 6.91 23.60
N ARG B 156 -7.40 7.63 22.62
CA ARG B 156 -6.54 8.37 21.70
C ARG B 156 -5.68 9.33 22.44
N GLU B 157 -6.22 9.92 23.48
CA GLU B 157 -5.48 10.80 24.34
C GLU B 157 -4.14 10.21 24.77
N GLU B 158 -4.13 8.90 25.05
CA GLU B 158 -2.93 8.26 25.54
C GLU B 158 -2.26 7.36 24.50
N TYR B 159 -2.94 7.09 23.41
CA TYR B 159 -2.38 6.22 22.39
C TYR B 159 -2.62 6.73 21.00
N PRO B 160 -2.35 8.00 20.78
CA PRO B 160 -2.60 8.72 19.54
C PRO B 160 -2.03 8.05 18.27
N ASP B 161 -1.01 7.22 18.42
CA ASP B 161 -0.39 6.62 17.26
C ASP B 161 -0.82 5.18 17.00
N ARG B 162 -1.80 4.72 17.74
CA ARG B 162 -2.32 3.38 17.52
C ARG B 162 -3.51 3.40 16.64
N ILE B 163 -3.78 2.27 16.01
CA ILE B 163 -4.91 2.18 15.14
C ILE B 163 -6.13 1.81 15.87
N MET B 164 -7.13 2.66 15.78
CA MET B 164 -8.38 2.39 16.42
C MET B 164 -9.44 2.17 15.41
N ASN B 165 -10.14 1.09 15.55
CA ASN B 165 -11.20 0.79 14.65
C ASN B 165 -12.34 0.22 15.37
N THR B 166 -13.55 0.46 14.89
CA THR B 166 -14.68 -0.07 15.57
C THR B 166 -15.63 -0.68 14.62
N PHE B 167 -16.48 -1.52 15.14
CA PHE B 167 -17.48 -2.19 14.34
C PHE B 167 -18.81 -1.79 14.81
N SER B 168 -19.22 -0.62 14.41
CA SER B 168 -20.44 -0.07 14.91
C SER B 168 -21.65 -0.69 14.31
N VAL B 169 -22.70 -0.75 15.08
CA VAL B 169 -23.98 -1.12 14.55
C VAL B 169 -24.76 0.12 14.31
N VAL B 170 -25.16 0.33 13.08
CA VAL B 170 -25.80 1.58 12.74
C VAL B 170 -27.30 1.46 12.79
N PRO B 171 -27.97 2.60 12.66
CA PRO B 171 -29.40 2.74 12.60
C PRO B 171 -29.95 2.06 11.37
N SER B 172 -31.17 1.59 11.48
CA SER B 172 -31.83 0.96 10.35
C SER B 172 -32.68 1.97 9.60
N PRO B 173 -32.68 1.92 8.27
CA PRO B 173 -33.49 2.76 7.41
C PRO B 173 -34.95 2.43 7.54
N LYS B 174 -35.24 1.19 7.87
CA LYS B 174 -36.59 0.73 8.10
C LYS B 174 -36.96 0.92 9.57
N VAL B 175 -37.73 0.00 10.12
CA VAL B 175 -38.19 0.13 11.48
C VAL B 175 -37.05 0.30 12.46
N SER B 176 -37.11 1.38 13.22
CA SER B 176 -36.14 1.64 14.26
C SER B 176 -36.53 0.91 15.50
N ASP B 177 -35.55 0.36 16.15
CA ASP B 177 -35.78 -0.38 17.37
C ASP B 177 -35.54 0.47 18.61
N THR B 178 -35.30 1.75 18.41
CA THR B 178 -35.23 2.70 19.51
C THR B 178 -36.03 3.90 19.15
N VAL B 179 -36.28 4.76 20.11
CA VAL B 179 -37.05 5.95 19.86
C VAL B 179 -36.19 7.13 19.55
N VAL B 180 -35.14 7.29 20.35
CA VAL B 180 -34.27 8.43 20.23
C VAL B 180 -33.01 8.12 19.50
N GLU B 181 -33.08 7.22 18.55
CA GLU B 181 -31.94 6.85 17.76
C GLU B 181 -31.22 8.08 17.23
N PRO B 182 -31.82 8.78 16.26
CA PRO B 182 -31.26 9.99 15.64
C PRO B 182 -30.36 10.77 16.57
N TYR B 183 -30.83 11.00 17.79
CA TYR B 183 -30.09 11.79 18.74
C TYR B 183 -28.85 11.10 19.15
N ASN B 184 -29.00 9.88 19.62
CA ASN B 184 -27.88 9.17 20.16
C ASN B 184 -26.83 8.93 19.11
N ALA B 185 -27.27 8.53 17.94
CA ALA B 185 -26.38 8.24 16.86
C ALA B 185 -25.64 9.46 16.43
N THR B 186 -26.37 10.57 16.28
CA THR B 186 -25.76 11.80 15.84
C THR B 186 -24.74 12.29 16.81
N LEU B 187 -25.08 12.24 18.09
CA LEU B 187 -24.19 12.68 19.13
C LEU B 187 -22.93 11.87 19.16
N SER B 188 -23.05 10.58 18.93
CA SER B 188 -21.89 9.73 18.91
C SER B 188 -21.00 10.09 17.75
N VAL B 189 -21.58 10.13 16.55
CA VAL B 189 -20.82 10.42 15.34
C VAL B 189 -20.07 11.71 15.44
N HIS B 190 -20.73 12.73 15.97
CA HIS B 190 -20.13 14.03 16.18
C HIS B 190 -18.70 13.96 16.68
N GLN B 191 -18.41 12.99 17.54
CA GLN B 191 -17.09 12.84 18.09
C GLN B 191 -16.35 11.70 17.43
N LEU B 192 -17.07 10.64 17.12
CA LEU B 192 -16.51 9.47 16.49
C LEU B 192 -15.64 9.84 15.32
N VAL B 193 -16.18 10.67 14.44
CA VAL B 193 -15.50 11.10 13.25
C VAL B 193 -14.12 11.63 13.50
N GLU B 194 -13.96 12.37 14.58
CA GLU B 194 -12.72 13.04 14.87
C GLU B 194 -11.77 12.20 15.68
N ASN B 195 -12.12 10.96 15.89
CA ASN B 195 -11.30 10.10 16.69
C ASN B 195 -10.93 8.84 15.94
N THR B 196 -11.77 7.83 16.04
CA THR B 196 -11.55 6.53 15.41
C THR B 196 -10.94 6.66 14.02
N ASP B 197 -9.99 5.79 13.72
CA ASP B 197 -9.25 5.86 12.48
C ASP B 197 -10.03 5.25 11.35
N GLU B 198 -10.74 4.19 11.64
CA GLU B 198 -11.62 3.59 10.66
C GLU B 198 -12.75 2.90 11.34
N THR B 199 -13.91 2.92 10.75
CA THR B 199 -15.01 2.25 11.39
C THR B 199 -15.91 1.61 10.41
N TYR B 200 -16.48 0.51 10.83
CA TYR B 200 -17.32 -0.27 9.99
C TYR B 200 -18.74 -0.09 10.35
N CYS B 201 -19.58 -0.12 9.35
CA CYS B 201 -20.99 0.06 9.56
C CYS B 201 -21.73 -1.19 9.24
N ILE B 202 -22.38 -1.75 10.23
CA ILE B 202 -23.18 -2.93 10.02
C ILE B 202 -24.59 -2.68 10.45
N ASP B 203 -25.53 -3.05 9.61
CA ASP B 203 -26.91 -2.78 9.93
C ASP B 203 -27.74 -4.03 9.96
N ASN B 204 -28.26 -4.34 11.14
CA ASN B 204 -29.14 -5.48 11.34
C ASN B 204 -30.13 -5.65 10.21
N GLU B 205 -30.68 -4.55 9.72
CA GLU B 205 -31.62 -4.57 8.63
C GLU B 205 -31.10 -5.33 7.45
N ALA B 206 -29.92 -4.95 7.01
CA ALA B 206 -29.30 -5.59 5.88
C ALA B 206 -29.03 -7.03 6.17
N LEU B 207 -28.64 -7.32 7.40
CA LEU B 207 -28.31 -8.66 7.75
C LEU B 207 -29.51 -9.56 7.65
N TYR B 208 -30.66 -9.05 8.04
CA TYR B 208 -31.87 -9.83 7.94
C TYR B 208 -32.17 -10.18 6.53
N ASP B 209 -31.97 -9.22 5.64
CA ASP B 209 -32.24 -9.46 4.25
C ASP B 209 -31.40 -10.57 3.73
N ILE B 210 -30.13 -10.55 4.08
CA ILE B 210 -29.22 -11.57 3.66
C ILE B 210 -29.66 -12.92 4.12
N CYS B 211 -30.04 -13.01 5.38
CA CYS B 211 -30.44 -14.26 5.95
C CYS B 211 -31.65 -14.84 5.29
N PHE B 212 -32.68 -14.03 5.11
CA PHE B 212 -33.91 -14.52 4.53
C PHE B 212 -33.73 -14.89 3.09
N ARG B 213 -32.87 -14.15 2.40
CA ARG B 213 -32.62 -14.41 1.01
C ARG B 213 -31.49 -15.39 0.80
N THR B 214 -30.27 -14.89 0.86
CA THR B 214 -29.10 -15.65 0.50
C THR B 214 -28.92 -16.89 1.34
N LEU B 215 -29.15 -16.77 2.63
CA LEU B 215 -28.95 -17.90 3.51
C LEU B 215 -30.17 -18.76 3.64
N LYS B 216 -31.26 -18.37 3.00
CA LYS B 216 -32.48 -19.13 3.03
C LYS B 216 -32.90 -19.50 4.46
N LEU B 217 -32.75 -18.57 5.38
CA LEU B 217 -33.11 -18.81 6.77
C LEU B 217 -34.46 -18.30 7.08
N THR B 218 -35.09 -18.91 8.07
CA THR B 218 -36.41 -18.50 8.49
C THR B 218 -36.43 -18.05 9.92
N THR B 219 -35.37 -18.38 10.66
CA THR B 219 -35.29 -18.03 12.07
C THR B 219 -34.01 -17.30 12.42
N PRO B 220 -33.67 -16.26 11.64
CA PRO B 220 -32.47 -15.42 11.86
C PRO B 220 -32.36 -14.94 13.31
N THR B 221 -31.87 -15.81 14.16
CA THR B 221 -31.67 -15.49 15.56
C THR B 221 -30.48 -14.57 15.70
N TYR B 222 -30.54 -13.62 16.62
CA TYR B 222 -29.43 -12.69 16.82
C TYR B 222 -28.10 -13.38 16.93
N GLY B 223 -28.08 -14.54 17.56
CA GLY B 223 -26.86 -15.31 17.65
C GLY B 223 -26.29 -15.61 16.27
N ASP B 224 -27.16 -15.91 15.33
CA ASP B 224 -26.75 -16.21 13.98
C ASP B 224 -26.26 -14.97 13.30
N LEU B 225 -26.95 -13.87 13.55
CA LEU B 225 -26.59 -12.61 12.97
C LEU B 225 -25.22 -12.19 13.47
N ASN B 226 -24.99 -12.42 14.74
CA ASN B 226 -23.74 -12.08 15.34
C ASN B 226 -22.65 -12.93 14.80
N HIS B 227 -22.95 -14.19 14.57
CA HIS B 227 -21.99 -15.10 14.01
C HIS B 227 -21.48 -14.60 12.71
N LEU B 228 -22.38 -14.17 11.85
CA LEU B 228 -22.00 -13.64 10.58
C LEU B 228 -21.07 -12.46 10.74
N VAL B 229 -21.43 -11.54 11.62
CA VAL B 229 -20.60 -10.39 11.87
C VAL B 229 -19.24 -10.79 12.37
N SER B 230 -19.22 -11.73 13.29
CA SER B 230 -17.99 -12.19 13.86
C SER B 230 -17.06 -12.69 12.80
N ALA B 231 -17.61 -13.41 11.83
CA ALA B 231 -16.81 -13.93 10.76
C ALA B 231 -16.09 -12.82 10.05
N THR B 232 -16.81 -11.74 9.77
CA THR B 232 -16.20 -10.61 9.11
C THR B 232 -15.07 -10.04 9.92
N MET B 233 -15.29 -9.87 11.21
CA MET B 233 -14.26 -9.32 12.07
C MET B 233 -13.02 -10.16 12.06
N SER B 234 -13.19 -11.47 12.12
CA SER B 234 -12.04 -12.34 12.17
C SER B 234 -11.26 -12.27 10.89
N GLY B 235 -11.96 -12.12 9.78
CA GLY B 235 -11.30 -12.02 8.50
C GLY B 235 -10.37 -10.85 8.47
N VAL B 236 -10.84 -9.72 8.97
CA VAL B 236 -10.07 -8.49 8.99
C VAL B 236 -8.67 -8.65 9.58
N THR B 237 -8.51 -9.51 10.59
CA THR B 237 -7.23 -9.60 11.26
C THR B 237 -6.54 -10.91 11.02
N THR B 238 -7.03 -11.67 10.07
CA THR B 238 -6.42 -12.93 9.73
C THR B 238 -4.99 -12.73 9.30
N CYS B 239 -4.74 -11.63 8.61
CA CYS B 239 -3.41 -11.28 8.17
C CYS B 239 -2.42 -11.12 9.29
N LEU B 240 -2.90 -10.86 10.48
CA LEU B 240 -2.02 -10.68 11.59
C LEU B 240 -1.78 -11.97 12.27
N ARG B 241 -2.79 -12.81 12.27
CA ARG B 241 -2.73 -14.04 12.98
C ARG B 241 -2.08 -15.15 12.19
N PHE B 242 -2.18 -15.06 10.88
CA PHE B 242 -1.66 -16.12 10.05
C PHE B 242 -0.83 -15.62 8.90
N PRO B 243 0.03 -16.48 8.36
CA PRO B 243 0.89 -16.30 7.23
C PRO B 243 0.08 -16.32 5.96
N GLY B 244 0.64 -15.77 4.91
CA GLY B 244 -0.05 -15.68 3.66
C GLY B 244 0.86 -15.24 2.56
N GLN B 245 0.27 -14.73 1.51
CA GLN B 245 1.03 -14.29 0.37
C GLN B 245 1.15 -12.81 0.37
N LEU B 246 0.08 -12.16 0.74
CA LEU B 246 0.06 -10.73 0.84
C LEU B 246 -0.57 -10.33 2.11
N ASN B 247 0.22 -10.28 3.16
CA ASN B 247 -0.31 -9.92 4.45
C ASN B 247 -0.58 -8.44 4.50
N ALA B 248 -1.73 -8.10 5.05
CA ALA B 248 -2.14 -6.73 5.17
C ALA B 248 -2.38 -6.37 6.60
N ASP B 249 -1.43 -5.70 7.20
CA ASP B 249 -1.55 -5.25 8.56
C ASP B 249 -2.71 -4.31 8.72
N LEU B 250 -3.35 -4.40 9.86
CA LEU B 250 -4.43 -3.51 10.20
C LEU B 250 -4.16 -2.07 9.79
N ARG B 251 -2.95 -1.57 10.09
CA ARG B 251 -2.60 -0.22 9.72
C ARG B 251 -2.60 -0.06 8.23
N LYS B 252 -2.07 -1.03 7.52
CA LYS B 252 -2.04 -1.00 6.08
C LYS B 252 -3.40 -0.82 5.51
N LEU B 253 -4.38 -1.49 6.09
CA LEU B 253 -5.72 -1.38 5.62
C LEU B 253 -6.19 0.03 5.72
N ALA B 254 -5.89 0.68 6.82
CA ALA B 254 -6.28 2.05 6.98
C ALA B 254 -5.67 2.91 5.89
N VAL B 255 -4.41 2.69 5.62
CA VAL B 255 -3.70 3.49 4.65
C VAL B 255 -4.30 3.40 3.26
N ASN B 256 -4.68 2.22 2.84
CA ASN B 256 -5.23 2.06 1.49
C ASN B 256 -6.74 2.23 1.44
N MET B 257 -7.36 2.58 2.56
CA MET B 257 -8.80 2.69 2.58
C MET B 257 -9.27 4.10 2.90
N VAL B 258 -8.47 4.83 3.64
CA VAL B 258 -8.81 6.20 3.97
C VAL B 258 -8.00 7.19 3.15
N PRO B 259 -8.65 7.97 2.30
CA PRO B 259 -7.97 8.94 1.45
C PRO B 259 -7.93 10.26 2.11
N PHE B 260 -8.90 10.50 2.93
CA PHE B 260 -8.94 11.69 3.72
C PHE B 260 -9.41 11.30 5.07
N PRO B 261 -8.78 11.83 6.11
CA PRO B 261 -9.26 11.63 7.44
C PRO B 261 -10.71 12.01 7.44
N ARG B 262 -11.42 11.69 8.51
CA ARG B 262 -12.88 11.88 8.59
C ARG B 262 -13.65 10.90 7.69
N LEU B 263 -13.34 10.86 6.41
CA LEU B 263 -13.97 9.91 5.50
C LEU B 263 -13.47 8.49 5.73
N HIS B 264 -13.90 7.87 6.81
CA HIS B 264 -13.40 6.56 7.15
C HIS B 264 -14.50 5.61 7.56
N PHE B 265 -15.56 5.59 6.80
CA PHE B 265 -16.66 4.69 7.07
C PHE B 265 -16.72 3.62 6.03
N PHE B 266 -16.94 2.39 6.44
CA PHE B 266 -16.88 1.31 5.49
C PHE B 266 -18.04 0.38 5.51
N MET B 267 -18.31 -0.19 4.35
CA MET B 267 -19.33 -1.17 4.18
C MET B 267 -18.69 -2.54 4.06
N PRO B 268 -18.90 -3.42 5.00
CA PRO B 268 -18.35 -4.75 5.05
C PRO B 268 -19.18 -5.73 4.26
N GLY B 269 -18.51 -6.74 3.74
CA GLY B 269 -19.17 -7.80 3.01
C GLY B 269 -18.44 -9.11 3.26
N PHE B 270 -19.04 -10.21 2.84
CA PHE B 270 -18.45 -11.51 3.09
C PHE B 270 -18.92 -12.56 2.12
N ALA B 271 -18.00 -13.40 1.70
CA ALA B 271 -18.34 -14.51 0.82
C ALA B 271 -17.50 -15.72 1.18
N PRO B 272 -18.01 -16.90 0.90
CA PRO B 272 -19.30 -17.27 0.34
C PRO B 272 -20.35 -17.36 1.41
N LEU B 273 -21.58 -17.09 1.04
CA LEU B 273 -22.71 -17.24 1.96
C LEU B 273 -23.77 -18.16 1.42
N THR B 274 -23.39 -19.23 0.80
CA THR B 274 -24.36 -20.13 0.25
C THR B 274 -25.03 -21.01 1.29
N SER B 275 -26.35 -21.07 1.21
CA SER B 275 -27.14 -21.92 2.10
C SER B 275 -26.83 -23.37 1.88
N ARG B 276 -26.82 -24.12 2.96
CA ARG B 276 -26.53 -25.55 2.92
C ARG B 276 -27.40 -26.30 1.96
N GLY B 277 -28.61 -25.82 1.72
CA GLY B 277 -29.52 -26.47 0.81
C GLY B 277 -29.04 -26.41 -0.64
N SER B 278 -28.10 -25.52 -0.94
CA SER B 278 -27.65 -25.33 -2.29
C SER B 278 -26.14 -25.31 -2.43
N GLN B 279 -25.42 -25.57 -1.33
CA GLN B 279 -23.95 -25.60 -1.39
C GLN B 279 -23.42 -26.59 -2.41
N GLN B 280 -24.14 -27.66 -2.64
CA GLN B 280 -23.73 -28.66 -3.60
C GLN B 280 -23.88 -28.19 -5.05
N TYR B 281 -24.51 -27.04 -5.25
CA TYR B 281 -24.65 -26.50 -6.59
C TYR B 281 -23.79 -25.26 -6.75
N ARG B 282 -22.60 -25.31 -6.20
CA ARG B 282 -21.66 -24.21 -6.27
C ARG B 282 -20.34 -24.66 -6.76
N ALA B 283 -19.50 -23.72 -7.15
CA ALA B 283 -18.20 -24.04 -7.67
C ALA B 283 -17.10 -23.62 -6.72
N LEU B 284 -17.33 -22.49 -6.08
CA LEU B 284 -16.38 -21.90 -5.15
C LEU B 284 -15.09 -21.53 -5.84
N THR B 285 -15.17 -20.56 -6.73
CA THR B 285 -14.02 -20.08 -7.44
C THR B 285 -13.80 -18.64 -7.14
N VAL B 286 -12.64 -18.14 -7.52
CA VAL B 286 -12.36 -16.75 -7.31
C VAL B 286 -13.40 -15.87 -7.96
N PRO B 287 -13.90 -16.25 -9.14
CA PRO B 287 -14.94 -15.51 -9.80
C PRO B 287 -16.22 -15.55 -9.03
N GLU B 288 -16.57 -16.72 -8.52
CA GLU B 288 -17.77 -16.84 -7.73
C GLU B 288 -17.72 -15.91 -6.54
N LEU B 289 -16.58 -15.88 -5.87
CA LEU B 289 -16.43 -15.06 -4.71
C LEU B 289 -16.60 -13.61 -5.02
N THR B 290 -16.01 -13.16 -6.12
CA THR B 290 -16.11 -11.76 -6.47
C THR B 290 -17.50 -11.39 -6.89
N GLN B 291 -18.23 -12.34 -7.44
CA GLN B 291 -19.59 -12.09 -7.78
C GLN B 291 -20.38 -11.76 -6.54
N GLN B 292 -20.14 -12.51 -5.47
CA GLN B 292 -20.82 -12.23 -4.23
C GLN B 292 -20.31 -10.96 -3.58
N MET B 293 -19.00 -10.77 -3.56
CA MET B 293 -18.41 -9.63 -2.89
C MET B 293 -18.88 -8.32 -3.43
N PHE B 294 -19.05 -8.23 -4.72
CA PHE B 294 -19.51 -7.00 -5.31
C PHE B 294 -20.99 -6.97 -5.55
N ASP B 295 -21.72 -7.93 -4.97
CA ASP B 295 -23.14 -7.91 -5.09
C ASP B 295 -23.71 -7.02 -4.04
N ALA B 296 -24.39 -5.96 -4.47
CA ALA B 296 -24.99 -5.01 -3.55
C ALA B 296 -25.85 -5.71 -2.49
N LYS B 297 -26.47 -6.83 -2.86
CA LYS B 297 -27.32 -7.55 -1.96
C LYS B 297 -26.57 -8.19 -0.80
N ASN B 298 -25.26 -8.31 -0.92
CA ASN B 298 -24.46 -8.89 0.14
C ASN B 298 -23.79 -7.85 1.00
N MET B 299 -24.18 -6.60 0.85
CA MET B 299 -23.63 -5.57 1.70
C MET B 299 -24.21 -5.64 3.08
N MET B 300 -23.36 -5.70 4.08
CA MET B 300 -23.81 -5.82 5.45
C MET B 300 -24.26 -4.49 6.01
N ALA B 301 -23.96 -3.42 5.29
CA ALA B 301 -24.46 -2.11 5.63
C ALA B 301 -25.66 -1.82 4.80
N ALA B 302 -26.69 -1.23 5.41
CA ALA B 302 -27.94 -1.00 4.68
C ALA B 302 -27.87 0.22 3.80
N CYS B 303 -27.07 0.13 2.75
CA CYS B 303 -27.00 1.15 1.75
C CYS B 303 -26.86 0.49 0.43
N ASP B 304 -27.21 1.20 -0.63
CA ASP B 304 -27.09 0.62 -1.94
C ASP B 304 -25.99 1.26 -2.72
N PRO B 305 -24.78 0.68 -2.65
CA PRO B 305 -23.56 1.16 -3.31
C PRO B 305 -23.76 1.47 -4.79
N ARG B 306 -24.79 0.89 -5.39
CA ARG B 306 -25.13 1.16 -6.77
C ARG B 306 -25.32 2.63 -7.05
N HIS B 307 -25.76 3.39 -6.04
CA HIS B 307 -26.03 4.81 -6.22
C HIS B 307 -24.83 5.69 -5.92
N GLY B 308 -23.69 5.10 -5.62
CA GLY B 308 -22.51 5.87 -5.32
C GLY B 308 -21.31 5.34 -6.07
N ARG B 309 -20.13 5.75 -5.65
CA ARG B 309 -18.92 5.25 -6.25
C ARG B 309 -17.97 4.83 -5.19
N TYR B 310 -17.08 3.94 -5.53
CA TYR B 310 -16.12 3.50 -4.57
C TYR B 310 -14.88 4.32 -4.60
N LEU B 311 -14.54 4.86 -3.46
CA LEU B 311 -13.30 5.54 -3.30
C LEU B 311 -12.20 4.54 -3.26
N THR B 312 -12.47 3.43 -2.60
CA THR B 312 -11.50 2.36 -2.48
C THR B 312 -12.11 1.11 -1.90
N VAL B 313 -11.63 -0.03 -2.36
CA VAL B 313 -12.11 -1.31 -1.92
C VAL B 313 -11.00 -2.22 -1.52
N ALA B 314 -11.14 -2.86 -0.37
CA ALA B 314 -10.18 -3.84 0.04
C ALA B 314 -10.78 -5.22 -0.04
N ALA B 315 -9.99 -6.16 -0.51
CA ALA B 315 -10.44 -7.52 -0.65
C ALA B 315 -9.47 -8.46 0.00
N VAL B 316 -9.90 -9.12 1.04
CA VAL B 316 -9.03 -10.03 1.75
C VAL B 316 -9.47 -11.45 1.55
N PHE B 317 -8.60 -12.26 1.01
CA PHE B 317 -8.93 -13.63 0.73
C PHE B 317 -8.27 -14.58 1.69
N ARG B 318 -8.93 -15.67 1.98
CA ARG B 318 -8.40 -16.69 2.84
C ARG B 318 -8.42 -18.03 2.19
N GLY B 319 -7.41 -18.83 2.46
CA GLY B 319 -7.36 -20.17 1.96
C GLY B 319 -6.42 -20.29 0.79
N ARG B 320 -6.82 -21.05 -0.22
CA ARG B 320 -5.96 -21.24 -1.37
C ARG B 320 -6.56 -20.71 -2.63
N MET B 321 -5.73 -20.14 -3.47
CA MET B 321 -6.13 -19.56 -4.73
C MET B 321 -4.93 -18.98 -5.39
N SER B 322 -5.02 -18.72 -6.68
CA SER B 322 -3.88 -18.19 -7.34
C SER B 322 -3.85 -16.71 -7.31
N MET B 323 -2.68 -16.16 -7.49
CA MET B 323 -2.54 -14.74 -7.53
C MET B 323 -3.12 -14.24 -8.80
N LYS B 324 -2.89 -15.02 -9.86
CA LYS B 324 -3.41 -14.70 -11.17
C LYS B 324 -4.89 -14.51 -11.14
N GLU B 325 -5.61 -15.51 -10.62
CA GLU B 325 -7.05 -15.43 -10.57
C GLU B 325 -7.51 -14.21 -9.89
N VAL B 326 -6.97 -13.95 -8.72
CA VAL B 326 -7.42 -12.85 -7.95
C VAL B 326 -7.22 -11.54 -8.64
N ASP B 327 -6.00 -11.27 -9.01
CA ASP B 327 -5.70 -9.99 -9.59
C ASP B 327 -6.51 -9.73 -10.83
N GLU B 328 -6.54 -10.70 -11.72
CA GLU B 328 -7.24 -10.54 -12.97
C GLU B 328 -8.71 -10.35 -12.76
N GLN B 329 -9.26 -11.09 -11.84
CA GLN B 329 -10.65 -11.01 -11.58
C GLN B 329 -11.04 -9.65 -11.03
N MET B 330 -10.21 -9.11 -10.15
CA MET B 330 -10.49 -7.83 -9.57
C MET B 330 -10.40 -6.75 -10.61
N LEU B 331 -9.46 -6.91 -11.53
CA LEU B 331 -9.32 -5.99 -12.64
C LEU B 331 -10.56 -5.95 -13.46
N ASN B 332 -11.07 -7.13 -13.78
CA ASN B 332 -12.26 -7.24 -14.58
C ASN B 332 -13.39 -6.45 -14.00
N VAL B 333 -13.53 -6.52 -12.68
CA VAL B 333 -14.58 -5.78 -12.02
C VAL B 333 -14.46 -4.30 -12.30
N GLN B 334 -13.26 -3.75 -12.12
CA GLN B 334 -13.07 -2.33 -12.31
C GLN B 334 -13.31 -1.92 -13.75
N ASN B 335 -12.92 -2.77 -14.67
CA ASN B 335 -13.09 -2.46 -16.07
C ASN B 335 -14.52 -2.51 -16.52
N LYS B 336 -15.21 -3.57 -16.13
CA LYS B 336 -16.57 -3.76 -16.55
C LYS B 336 -17.50 -2.74 -15.96
N ASN B 337 -17.22 -2.32 -14.74
CA ASN B 337 -18.10 -1.41 -14.07
C ASN B 337 -17.37 -0.18 -13.62
N SER B 338 -16.58 0.39 -14.53
CA SER B 338 -15.75 1.54 -14.21
C SER B 338 -16.53 2.75 -13.71
N SER B 339 -17.77 2.87 -14.11
CA SER B 339 -18.59 4.01 -13.71
C SER B 339 -18.87 4.02 -12.21
N TYR B 340 -18.68 2.88 -11.56
CA TYR B 340 -18.93 2.77 -10.14
C TYR B 340 -17.71 3.07 -9.32
N PHE B 341 -16.64 3.46 -9.96
CA PHE B 341 -15.43 3.77 -9.24
C PHE B 341 -15.02 5.19 -9.47
N VAL B 342 -14.42 5.79 -8.47
CA VAL B 342 -14.02 7.17 -8.56
C VAL B 342 -12.79 7.35 -9.42
N GLU B 343 -12.95 8.14 -10.50
CA GLU B 343 -11.90 8.37 -11.50
C GLU B 343 -10.65 9.00 -10.94
N TRP B 344 -10.75 9.66 -9.82
CA TRP B 344 -9.62 10.29 -9.19
C TRP B 344 -8.52 9.32 -8.85
N ILE B 345 -8.90 8.07 -8.60
CA ILE B 345 -7.95 7.11 -8.13
C ILE B 345 -7.82 5.93 -9.06
N PRO B 346 -6.66 5.80 -9.66
CA PRO B 346 -6.28 4.66 -10.45
C PRO B 346 -6.13 3.50 -9.53
N ASN B 347 -6.62 2.35 -9.95
CA ASN B 347 -6.61 1.17 -9.11
C ASN B 347 -7.32 1.41 -7.81
N ASN B 348 -8.60 1.13 -7.80
CA ASN B 348 -9.40 1.36 -6.64
C ASN B 348 -9.47 0.14 -5.74
N VAL B 349 -8.61 -0.83 -5.99
CA VAL B 349 -8.66 -2.06 -5.24
C VAL B 349 -7.38 -2.43 -4.56
N LYS B 350 -7.49 -2.78 -3.29
CA LYS B 350 -6.41 -3.30 -2.50
C LYS B 350 -6.69 -4.75 -2.22
N THR B 351 -5.71 -5.61 -2.42
CA THR B 351 -5.95 -7.03 -2.19
C THR B 351 -5.01 -7.60 -1.19
N ALA B 352 -5.43 -8.70 -0.58
CA ALA B 352 -4.61 -9.39 0.39
C ALA B 352 -4.97 -10.83 0.42
N VAL B 353 -3.99 -11.68 0.71
CA VAL B 353 -4.22 -13.10 0.72
C VAL B 353 -3.57 -13.79 1.88
N CYS B 354 -4.37 -14.53 2.63
CA CYS B 354 -3.88 -15.36 3.71
C CYS B 354 -4.09 -16.79 3.36
N ASP B 355 -3.16 -17.64 3.75
CA ASP B 355 -3.22 -19.03 3.36
C ASP B 355 -4.07 -19.88 4.28
N ILE B 356 -4.65 -19.28 5.30
CA ILE B 356 -5.47 -20.03 6.22
C ILE B 356 -6.96 -19.71 6.07
N PRO B 357 -7.71 -20.64 5.46
CA PRO B 357 -9.13 -20.60 5.25
C PRO B 357 -9.88 -20.72 6.55
N PRO B 358 -11.12 -20.22 6.58
CA PRO B 358 -12.11 -20.41 7.61
C PRO B 358 -12.40 -21.87 7.73
N ARG B 359 -12.82 -22.29 8.91
CA ARG B 359 -13.09 -23.69 9.12
C ARG B 359 -14.22 -24.17 8.25
N GLY B 360 -13.90 -24.97 7.23
CA GLY B 360 -14.89 -25.55 6.34
C GLY B 360 -15.03 -24.81 5.01
N LEU B 361 -14.34 -23.68 4.86
CA LEU B 361 -14.40 -22.92 3.64
C LEU B 361 -13.07 -22.82 2.98
N LYS B 362 -12.82 -23.67 1.99
CA LYS B 362 -11.53 -23.69 1.30
C LYS B 362 -11.16 -22.34 0.73
N MET B 363 -12.15 -21.58 0.34
CA MET B 363 -11.94 -20.25 -0.17
C MET B 363 -12.92 -19.30 0.47
N SER B 364 -12.45 -18.16 0.91
CA SER B 364 -13.33 -17.18 1.52
C SER B 364 -12.77 -15.80 1.40
N ALA B 365 -13.64 -14.80 1.45
CA ALA B 365 -13.15 -13.46 1.30
C ALA B 365 -14.00 -12.45 2.03
N THR B 366 -13.36 -11.37 2.45
CA THR B 366 -14.08 -10.28 3.07
C THR B 366 -13.97 -9.08 2.21
N PHE B 367 -14.94 -8.22 2.31
CA PHE B 367 -15.03 -7.07 1.46
C PHE B 367 -15.18 -5.83 2.26
N ILE B 368 -14.29 -4.89 2.06
CA ILE B 368 -14.40 -3.63 2.74
C ILE B 368 -14.50 -2.53 1.73
N GLY B 369 -15.64 -1.90 1.64
CA GLY B 369 -15.82 -0.89 0.62
C GLY B 369 -15.97 0.49 1.19
N ASN B 370 -15.23 1.41 0.64
CA ASN B 370 -15.39 2.79 0.98
C ASN B 370 -16.20 3.45 -0.09
N SER B 371 -17.52 3.32 0.01
CA SER B 371 -18.40 3.88 -0.99
C SER B 371 -18.98 5.18 -0.57
N THR B 372 -19.14 6.07 -1.53
CA THR B 372 -19.71 7.36 -1.26
C THR B 372 -21.19 7.23 -1.00
N ALA B 373 -21.77 6.09 -1.35
CA ALA B 373 -23.18 5.84 -1.12
C ALA B 373 -23.51 5.83 0.35
N ILE B 374 -22.51 5.67 1.22
CA ILE B 374 -22.75 5.71 2.66
C ILE B 374 -23.37 7.02 3.07
N GLN B 375 -23.12 8.06 2.27
CA GLN B 375 -23.73 9.34 2.41
C GLN B 375 -25.21 9.22 2.72
N GLU B 376 -25.85 8.30 2.02
CA GLU B 376 -27.26 8.03 2.17
C GLU B 376 -27.65 7.84 3.60
N LEU B 377 -26.88 7.04 4.32
CA LEU B 377 -27.17 6.76 5.70
C LEU B 377 -27.17 8.00 6.51
N PHE B 378 -26.12 8.78 6.36
CA PHE B 378 -25.97 9.96 7.15
C PHE B 378 -27.02 10.97 6.82
N LYS B 379 -27.41 11.00 5.56
CA LYS B 379 -28.47 11.85 5.11
C LYS B 379 -29.75 11.53 5.84
N ARG B 380 -30.08 10.24 5.88
CA ARG B 380 -31.29 9.79 6.54
C ARG B 380 -31.29 10.19 7.98
N ILE B 381 -30.17 10.01 8.63
CA ILE B 381 -30.05 10.32 10.02
C ILE B 381 -30.25 11.78 10.27
N SER B 382 -29.58 12.61 9.51
CA SER B 382 -29.69 14.04 9.68
C SER B 382 -31.12 14.48 9.53
N GLU B 383 -31.80 13.97 8.52
CA GLU B 383 -33.16 14.37 8.29
C GLU B 383 -34.04 14.02 9.46
N GLN B 384 -33.93 12.80 9.94
CA GLN B 384 -34.72 12.37 11.07
C GLN B 384 -34.36 13.17 12.30
N PHE B 385 -33.09 13.47 12.44
CA PHE B 385 -32.59 14.24 13.54
C PHE B 385 -33.23 15.57 13.64
N THR B 386 -33.24 16.31 12.54
CA THR B 386 -33.78 17.66 12.60
C THR B 386 -35.26 17.63 12.75
N ALA B 387 -35.89 16.60 12.26
CA ALA B 387 -37.32 16.48 12.41
C ALA B 387 -37.69 16.45 13.87
N MET B 388 -36.95 15.70 14.65
CA MET B 388 -37.20 15.62 16.07
C MET B 388 -36.69 16.84 16.79
N PHE B 389 -35.48 17.24 16.46
CA PHE B 389 -34.83 18.34 17.14
C PHE B 389 -35.61 19.62 17.07
N ARG B 390 -36.15 19.95 15.91
CA ARG B 390 -36.91 21.19 15.75
C ARG B 390 -38.18 21.22 16.60
N ARG B 391 -38.64 20.06 17.05
CA ARG B 391 -39.80 19.97 17.91
C ARG B 391 -39.36 19.84 19.35
N LYS B 392 -38.05 19.84 19.55
CA LYS B 392 -37.44 19.69 20.85
C LYS B 392 -37.82 18.37 21.49
N ALA B 393 -38.08 17.37 20.65
CA ALA B 393 -38.54 16.09 21.13
C ALA B 393 -37.55 15.48 22.08
N PHE B 394 -38.05 15.08 23.23
CA PHE B 394 -37.28 14.37 24.24
C PHE B 394 -35.97 15.01 24.66
N LEU B 395 -35.76 16.28 24.35
CA LEU B 395 -34.49 16.88 24.69
C LEU B 395 -34.29 17.02 26.16
N HIS B 396 -35.37 17.01 26.93
CA HIS B 396 -35.26 17.13 28.35
C HIS B 396 -34.56 15.94 28.99
N TRP B 397 -34.50 14.82 28.28
CA TRP B 397 -33.77 13.68 28.77
C TRP B 397 -32.26 13.81 28.52
N TYR B 398 -31.86 14.90 27.90
CA TYR B 398 -30.45 15.15 27.65
C TYR B 398 -30.05 16.39 28.38
N THR B 399 -30.89 17.41 28.28
CA THR B 399 -30.68 18.65 28.98
C THR B 399 -30.59 18.38 30.46
N GLY B 400 -31.44 17.50 30.95
CA GLY B 400 -31.47 17.14 32.36
C GLY B 400 -30.20 16.44 32.81
N GLU B 401 -29.39 15.96 31.88
CA GLU B 401 -28.15 15.30 32.22
C GLU B 401 -26.99 16.27 32.12
N GLY B 402 -27.29 17.55 31.96
CA GLY B 402 -26.26 18.56 31.90
C GLY B 402 -25.75 18.78 30.49
N MET B 403 -26.46 18.28 29.49
CA MET B 403 -26.02 18.49 28.13
C MET B 403 -26.43 19.84 27.63
N ASP B 404 -25.50 20.53 27.00
CA ASP B 404 -25.77 21.83 26.42
C ASP B 404 -26.40 21.68 25.06
N GLU B 405 -27.56 22.29 24.88
CA GLU B 405 -28.27 22.22 23.60
C GLU B 405 -27.35 22.49 22.40
N MET B 406 -26.38 23.38 22.58
CA MET B 406 -25.46 23.72 21.52
C MET B 406 -24.75 22.52 20.98
N GLU B 407 -24.55 21.51 21.81
CA GLU B 407 -23.88 20.30 21.40
C GLU B 407 -24.63 19.63 20.27
N PHE B 408 -25.95 19.77 20.28
CA PHE B 408 -26.75 19.17 19.24
C PHE B 408 -26.56 19.88 17.95
N THR B 409 -26.44 21.20 18.02
CA THR B 409 -26.29 21.95 16.80
C THR B 409 -24.94 21.73 16.21
N GLU B 410 -23.96 21.51 17.06
CA GLU B 410 -22.62 21.22 16.61
C GLU B 410 -22.57 19.87 15.99
N ALA B 411 -23.27 18.93 16.60
CA ALA B 411 -23.34 17.60 16.10
C ALA B 411 -23.91 17.59 14.73
N GLU B 412 -25.00 18.31 14.54
CA GLU B 412 -25.60 18.40 13.25
C GLU B 412 -24.66 18.97 12.26
N SER B 413 -23.99 20.05 12.62
CA SER B 413 -23.05 20.68 11.74
C SER B 413 -22.05 19.69 11.19
N ASN B 414 -21.45 18.90 12.08
CA ASN B 414 -20.50 17.90 11.63
C ASN B 414 -21.14 16.92 10.70
N MET B 415 -22.32 16.48 11.05
CA MET B 415 -23.04 15.51 10.26
C MET B 415 -23.30 16.01 8.87
N ASN B 416 -23.78 17.23 8.77
CA ASN B 416 -24.11 17.79 7.48
C ASN B 416 -22.90 17.96 6.63
N ASP B 417 -21.81 18.37 7.24
CA ASP B 417 -20.60 18.54 6.50
C ASP B 417 -20.06 17.22 6.02
N LEU B 418 -20.21 16.18 6.83
CA LEU B 418 -19.82 14.85 6.40
C LEU B 418 -20.51 14.49 5.13
N VAL B 419 -21.81 14.72 5.10
CA VAL B 419 -22.59 14.47 3.91
C VAL B 419 -22.08 15.26 2.75
N SER B 420 -21.82 16.55 2.97
CA SER B 420 -21.32 17.41 1.93
C SER B 420 -20.05 16.88 1.34
N GLU B 421 -19.13 16.46 2.21
CA GLU B 421 -17.87 15.94 1.76
C GLU B 421 -18.04 14.78 0.84
N TYR B 422 -18.87 13.84 1.21
CA TYR B 422 -19.11 12.72 0.35
C TYR B 422 -19.72 13.15 -0.94
N GLN B 423 -20.60 14.12 -0.87
CA GLN B 423 -21.26 14.60 -2.06
C GLN B 423 -20.32 15.30 -2.99
N GLN B 424 -19.35 16.01 -2.45
CA GLN B 424 -18.40 16.68 -3.29
C GLN B 424 -17.58 15.67 -4.05
N TYR B 425 -16.99 14.73 -3.33
CA TYR B 425 -16.14 13.74 -3.95
C TYR B 425 -16.93 12.83 -4.84
N GLN B 426 -18.20 12.62 -4.51
CA GLN B 426 -19.09 11.81 -5.31
C GLN B 426 -19.01 12.13 -6.76
N ASP B 427 -19.00 13.41 -7.09
CA ASP B 427 -19.02 13.80 -8.47
C ASP B 427 -17.88 14.68 -8.86
N ALA B 428 -16.95 14.91 -7.96
CA ALA B 428 -15.79 15.67 -8.33
C ALA B 428 -15.02 14.92 -9.40
N THR B 429 -14.50 15.63 -10.38
CA THR B 429 -13.80 14.99 -11.49
C THR B 429 -12.38 15.47 -11.61
N ALA B 430 -11.57 14.70 -12.31
CA ALA B 430 -10.16 15.01 -12.49
C ALA B 430 -9.96 16.33 -13.20
N ASP B 431 -10.74 16.57 -14.25
CA ASP B 431 -10.65 17.80 -15.01
C ASP B 431 -11.88 18.66 -14.81
N GLY C 1 -3.65 66.09 -27.62
CA GLY C 1 -4.77 66.70 -26.90
C GLY C 1 -5.16 65.88 -25.68
N ALA C 2 -6.15 66.39 -24.94
CA ALA C 2 -6.64 65.73 -23.73
C ALA C 2 -7.15 64.34 -24.02
N ALA C 3 -7.78 64.15 -25.18
CA ALA C 3 -8.30 62.86 -25.58
C ALA C 3 -7.17 61.84 -25.67
N ALA C 4 -6.05 62.24 -26.24
CA ALA C 4 -4.88 61.37 -26.38
C ALA C 4 -4.33 61.01 -25.01
N LEU C 5 -4.34 61.98 -24.10
CA LEU C 5 -3.87 61.74 -22.74
C LEU C 5 -4.77 60.71 -22.05
N LYS C 6 -6.08 60.83 -22.30
CA LYS C 6 -7.05 59.90 -21.75
C LYS C 6 -6.95 58.54 -22.42
N ASN C 7 -6.56 58.52 -23.70
CA ASN C 7 -6.41 57.26 -24.40
C ASN C 7 -5.30 56.43 -23.79
N TYR C 8 -4.13 57.04 -23.55
CA TYR C 8 -3.05 56.28 -22.94
C TYR C 8 -3.38 55.97 -21.50
N TYR C 9 -4.22 56.80 -20.88
CA TYR C 9 -4.68 56.54 -19.53
C TYR C 9 -5.46 55.24 -19.49
N GLU C 10 -6.34 55.05 -20.48
CA GLU C 10 -7.12 53.82 -20.57
C GLU C 10 -6.20 52.65 -20.87
N VAL C 11 -5.16 52.88 -21.67
CA VAL C 11 -4.15 51.86 -21.90
C VAL C 11 -3.49 51.51 -20.60
N HIS C 12 -3.16 52.54 -19.80
CA HIS C 12 -2.56 52.34 -18.51
C HIS C 12 -3.46 51.58 -17.56
N LYS C 13 -4.76 51.81 -17.64
CA LYS C 13 -5.68 51.01 -16.86
C LYS C 13 -5.57 49.52 -17.26
N GLU C 14 -5.33 49.26 -18.54
CA GLU C 14 -5.14 47.91 -19.04
C GLU C 14 -3.66 47.48 -18.95
N LEU C 15 -2.78 48.43 -18.67
CA LEU C 15 -1.34 48.21 -18.60
C LEU C 15 -0.78 48.48 -17.20
N PHE C 16 -0.68 49.75 -16.83
CA PHE C 16 -0.15 50.16 -15.53
C PHE C 16 -0.93 49.48 -14.40
N GLU C 17 -2.24 49.66 -14.42
CA GLU C 17 -3.10 49.02 -13.45
C GLU C 17 -3.19 47.56 -13.75
N GLY C 18 -3.08 47.21 -15.03
CA GLY C 18 -3.05 45.81 -15.44
C GLY C 18 -1.92 45.07 -14.72
N VAL C 19 -0.75 45.72 -14.59
CA VAL C 19 0.36 45.16 -13.85
C VAL C 19 0.01 45.06 -12.39
N GLN C 20 -0.65 46.09 -11.87
CA GLN C 20 -1.10 46.06 -10.49
C GLN C 20 -2.07 44.90 -10.26
N LYS C 21 -2.92 44.63 -11.25
CA LYS C 21 -3.83 43.51 -11.19
C LYS C 21 -3.07 42.22 -11.22
N TRP C 22 -2.02 42.17 -12.06
CA TRP C 22 -1.13 41.03 -12.09
C TRP C 22 -0.48 40.84 -10.75
N GLU C 23 -0.03 41.95 -10.15
CA GLU C 23 0.62 41.91 -8.87
C GLU C 23 -0.32 41.48 -7.78
N GLU C 24 -1.58 41.90 -7.87
CA GLU C 24 -2.58 41.50 -6.92
C GLU C 24 -2.89 40.03 -7.03
N THR C 25 -2.99 39.55 -8.27
CA THR C 25 -3.18 38.15 -8.52
C THR C 25 -1.98 37.38 -8.02
N TRP C 26 -0.81 37.92 -8.29
CA TRP C 26 0.44 37.39 -7.85
C TRP C 26 0.52 37.30 -6.34
N ARG C 27 0.07 38.34 -5.67
CA ARG C 27 0.04 38.35 -4.22
C ARG C 27 -0.82 37.21 -3.72
N LEU C 28 -2.04 37.10 -4.25
CA LEU C 28 -2.94 36.03 -3.87
C LEU C 28 -2.30 34.68 -4.11
N PHE C 29 -1.66 34.53 -5.25
CA PHE C 29 -0.92 33.33 -5.56
C PHE C 29 0.03 33.00 -4.45
N LEU C 30 0.78 33.99 -4.01
CA LEU C 30 1.72 33.80 -2.93
C LEU C 30 1.01 33.41 -1.65
N GLU C 31 -0.21 33.92 -1.46
CA GLU C 31 -0.98 33.56 -0.28
C GLU C 31 -1.37 32.10 -0.31
N PHE C 32 -1.65 31.57 -1.50
CA PHE C 32 -1.92 30.15 -1.64
C PHE C 32 -0.69 29.33 -1.40
N GLU C 33 0.46 29.85 -1.82
CA GLU C 33 1.72 29.17 -1.57
C GLU C 33 1.97 29.09 -0.08
N ARG C 34 1.61 30.15 0.64
CA ARG C 34 1.74 30.18 2.09
C ARG C 34 0.77 29.22 2.76
N LYS C 35 -0.51 29.37 2.44
CA LYS C 35 -1.56 28.56 3.06
C LYS C 35 -1.35 27.07 2.87
N ALA C 36 -0.80 26.70 1.72
CA ALA C 36 -0.53 25.31 1.41
C ALA C 36 0.35 24.62 2.46
N SER C 37 1.18 25.41 3.15
CA SER C 37 2.11 24.84 4.12
C SER C 37 1.45 24.39 5.42
N ASP C 38 0.19 24.75 5.63
CA ASP C 38 -0.50 24.40 6.88
C ASP C 38 -1.15 23.03 6.81
N PRO C 39 -0.42 21.98 7.25
CA PRO C 39 -0.83 20.56 7.21
C PRO C 39 -2.19 20.27 7.87
N ASN C 40 -2.68 21.19 8.68
CA ASN C 40 -3.93 20.96 9.36
C ASN C 40 -5.07 20.86 8.37
N ARG C 41 -4.91 21.53 7.22
CA ARG C 41 -5.91 21.53 6.17
C ARG C 41 -6.22 20.15 5.59
N PHE C 42 -5.44 19.11 5.97
CA PHE C 42 -5.74 17.77 5.50
C PHE C 42 -7.01 17.25 6.11
N THR C 43 -7.42 17.83 7.23
CA THR C 43 -8.68 17.48 7.83
C THR C 43 -9.74 18.39 7.26
N ASN C 44 -9.97 18.26 5.96
CA ASN C 44 -10.84 19.16 5.23
C ASN C 44 -12.30 18.93 5.49
N ARG C 45 -12.72 19.33 6.68
CA ARG C 45 -14.09 19.22 7.13
C ARG C 45 -15.11 19.74 6.13
N GLY C 46 -14.78 20.80 5.40
CA GLY C 46 -15.69 21.38 4.43
C GLY C 46 -15.37 21.01 2.98
N GLY C 47 -14.45 20.06 2.78
CA GLY C 47 -14.03 19.70 1.42
C GLY C 47 -13.02 20.72 0.89
N ASN C 48 -12.45 21.48 1.81
CA ASN C 48 -11.51 22.55 1.54
C ASN C 48 -10.50 22.24 0.47
N LEU C 49 -9.95 21.03 0.48
CA LEU C 49 -8.90 20.68 -0.44
C LEU C 49 -9.34 20.76 -1.88
N LEU C 50 -10.59 20.42 -2.15
CA LEU C 50 -11.09 20.49 -3.50
C LEU C 50 -11.22 21.93 -3.91
N LYS C 51 -11.67 22.74 -2.97
CA LYS C 51 -11.85 24.15 -3.22
C LYS C 51 -10.52 24.80 -3.52
N GLU C 52 -9.52 24.42 -2.74
CA GLU C 52 -8.20 24.96 -2.89
C GLU C 52 -7.63 24.62 -4.22
N GLU C 53 -7.81 23.38 -4.64
CA GLU C 53 -7.25 22.91 -5.89
C GLU C 53 -7.80 23.67 -7.06
N LYS C 54 -9.08 23.96 -7.03
CA LYS C 54 -9.69 24.72 -8.08
C LYS C 54 -9.06 26.10 -8.17
N GLN C 55 -8.85 26.71 -7.02
CA GLN C 55 -8.28 28.04 -6.99
C GLN C 55 -6.85 28.06 -7.42
N ARG C 56 -6.10 27.03 -7.03
CA ARG C 56 -4.70 26.94 -7.44
C ARG C 56 -4.58 26.87 -8.93
N ALA C 57 -5.40 26.03 -9.55
CA ALA C 57 -5.38 25.89 -10.98
C ALA C 57 -5.76 27.20 -11.66
N LYS C 58 -6.79 27.84 -11.12
CA LYS C 58 -7.25 29.09 -11.66
C LYS C 58 -6.13 30.11 -11.73
N LEU C 59 -5.44 30.30 -10.61
CA LEU C 59 -4.36 31.28 -10.54
C LEU C 59 -3.23 30.93 -11.48
N GLN C 60 -2.95 29.64 -11.61
CA GLN C 60 -1.91 29.20 -12.51
C GLN C 60 -2.20 29.61 -13.93
N LYS C 61 -3.47 29.65 -14.30
CA LYS C 61 -3.85 30.11 -15.62
C LYS C 61 -3.85 31.64 -15.71
N MET C 62 -4.38 32.29 -14.67
CA MET C 62 -4.52 33.74 -14.66
C MET C 62 -3.23 34.50 -14.82
N LEU C 63 -2.20 34.09 -14.10
CA LEU C 63 -0.95 34.82 -14.13
C LEU C 63 -0.36 34.88 -15.55
N PRO C 64 -0.45 33.79 -16.33
CA PRO C 64 0.00 33.77 -17.71
C PRO C 64 -0.86 34.63 -18.59
N LYS C 65 -2.17 34.60 -18.35
CA LYS C 65 -3.09 35.40 -19.15
C LYS C 65 -2.76 36.86 -19.04
N LEU C 66 -2.56 37.32 -17.82
CA LEU C 66 -2.28 38.71 -17.57
C LEU C 66 -0.95 39.12 -18.15
N GLU C 67 0.04 38.25 -18.04
CA GLU C 67 1.36 38.56 -18.58
C GLU C 67 1.31 38.74 -20.08
N GLU C 68 0.56 37.89 -20.76
CA GLU C 68 0.46 37.97 -22.21
C GLU C 68 -0.26 39.23 -22.63
N GLU C 69 -1.24 39.65 -21.85
CA GLU C 69 -1.95 40.88 -22.13
C GLU C 69 -1.01 42.05 -22.00
N LEU C 70 -0.25 42.07 -20.92
CA LEU C 70 0.67 43.14 -20.62
C LEU C 70 1.74 43.28 -21.69
N LYS C 71 2.17 42.16 -22.25
CA LYS C 71 3.15 42.18 -23.34
C LYS C 71 2.67 42.99 -24.54
N ALA C 72 1.36 43.02 -24.75
CA ALA C 72 0.81 43.76 -25.87
C ALA C 72 0.51 45.19 -25.48
N ARG C 73 0.05 45.37 -24.25
CA ARG C 73 -0.31 46.69 -23.77
C ARG C 73 0.89 47.58 -23.61
N ILE C 74 2.01 47.01 -23.17
CA ILE C 74 3.24 47.77 -23.01
C ILE C 74 3.81 48.16 -24.35
N GLU C 75 3.55 47.34 -25.35
CA GLU C 75 4.00 47.62 -26.69
C GLU C 75 3.22 48.79 -27.23
N LEU C 76 1.91 48.74 -27.04
CA LEU C 76 1.04 49.82 -27.47
C LEU C 76 1.49 51.13 -26.86
N TRP C 77 1.67 51.14 -25.55
CA TRP C 77 2.16 52.33 -24.86
C TRP C 77 3.43 52.89 -25.45
N GLU C 78 4.45 52.04 -25.60
CA GLU C 78 5.74 52.53 -26.09
C GLU C 78 5.68 52.91 -27.58
N GLN C 79 4.69 52.39 -28.30
CA GLN C 79 4.47 52.84 -29.67
C GLN C 79 3.75 54.19 -29.68
N GLU C 80 2.88 54.39 -28.69
CA GLU C 80 2.13 55.64 -28.56
C GLU C 80 2.89 56.71 -27.80
N HIS C 81 3.95 56.33 -27.10
CA HIS C 81 4.72 57.30 -26.35
C HIS C 81 6.16 56.83 -26.16
N SER C 82 7.10 57.75 -26.35
CA SER C 82 8.51 57.42 -26.32
C SER C 82 9.04 56.97 -24.95
N LYS C 83 8.34 57.34 -23.88
CA LYS C 83 8.82 57.00 -22.55
C LYS C 83 8.79 55.50 -22.30
N ALA C 84 9.93 54.95 -21.89
CA ALA C 84 10.02 53.54 -21.55
C ALA C 84 9.12 53.25 -20.39
N PHE C 85 8.38 52.16 -20.47
CA PHE C 85 7.43 51.87 -19.43
C PHE C 85 8.09 51.20 -18.26
N MET C 86 8.58 52.01 -17.34
CA MET C 86 9.28 51.52 -16.17
C MET C 86 8.94 52.31 -14.92
N VAL C 87 9.15 51.71 -13.76
CA VAL C 87 8.85 52.35 -12.48
C VAL C 87 9.80 51.87 -11.41
N ASN C 88 10.17 52.77 -10.52
CA ASN C 88 11.05 52.43 -9.40
C ASN C 88 12.36 51.80 -9.87
N GLY C 89 12.89 52.27 -11.00
CA GLY C 89 14.17 51.80 -11.50
C GLY C 89 14.10 50.46 -12.28
N GLN C 90 12.89 49.99 -12.59
CA GLN C 90 12.78 48.73 -13.33
C GLN C 90 11.58 48.71 -14.27
N LYS C 91 11.77 48.13 -15.45
CA LYS C 91 10.70 48.06 -16.43
C LYS C 91 9.60 47.21 -15.89
N PHE C 92 8.37 47.58 -16.16
CA PHE C 92 7.24 46.86 -15.59
C PHE C 92 7.25 45.36 -15.93
N MET C 93 7.66 45.02 -17.16
CA MET C 93 7.74 43.60 -17.52
C MET C 93 8.92 42.93 -16.84
N GLU C 94 9.99 43.71 -16.59
CA GLU C 94 11.11 43.21 -15.83
C GLU C 94 10.69 42.96 -14.41
N TYR C 95 9.84 43.85 -13.90
CA TYR C 95 9.30 43.76 -12.55
C TYR C 95 8.48 42.49 -12.40
N VAL C 96 7.64 42.22 -13.38
CA VAL C 96 6.90 40.98 -13.43
C VAL C 96 7.83 39.79 -13.31
N ALA C 97 8.85 39.76 -14.16
CA ALA C 97 9.83 38.69 -14.14
C ALA C 97 10.63 38.69 -12.86
N GLU C 98 10.86 39.87 -12.28
CA GLU C 98 11.64 40.02 -11.08
C GLU C 98 11.00 39.31 -9.94
N GLN C 99 9.73 39.61 -9.68
CA GLN C 99 9.02 38.97 -8.59
C GLN C 99 8.85 37.51 -8.86
N TRP C 100 8.60 37.17 -10.11
CA TRP C 100 8.45 35.77 -10.48
C TRP C 100 9.67 34.99 -10.09
N GLU C 101 10.84 35.48 -10.51
CA GLU C 101 12.11 34.83 -10.23
C GLU C 101 12.47 34.92 -8.76
N MET C 102 12.08 36.02 -8.12
CA MET C 102 12.29 36.15 -6.69
C MET C 102 11.67 34.98 -5.97
N HIS C 103 10.40 34.74 -6.25
CA HIS C 103 9.69 33.61 -5.69
C HIS C 103 10.32 32.31 -6.10
N ARG C 104 10.51 32.14 -7.40
CA ARG C 104 11.10 30.94 -7.95
C ARG C 104 12.37 30.55 -7.26
N LEU C 105 13.33 31.45 -7.32
CA LEU C 105 14.65 31.21 -6.82
C LEU C 105 14.65 31.01 -5.33
N GLU C 106 13.80 31.73 -4.62
CA GLU C 106 13.69 31.58 -3.19
C GLU C 106 13.12 30.24 -2.82
N LYS C 107 12.11 29.82 -3.56
CA LYS C 107 11.48 28.55 -3.33
C LYS C 107 12.46 27.43 -3.61
N GLU C 108 13.20 27.56 -4.71
CA GLU C 108 14.21 26.59 -5.07
C GLU C 108 15.31 26.53 -4.04
N ARG C 109 15.75 27.69 -3.61
CA ARG C 109 16.78 27.80 -2.60
C ARG C 109 16.38 27.12 -1.32
N ALA C 110 15.18 27.46 -0.85
CA ALA C 110 14.66 26.91 0.39
C ALA C 110 14.59 25.41 0.33
N LYS C 111 14.15 24.89 -0.81
CA LYS C 111 14.12 23.47 -1.03
C LYS C 111 15.51 22.88 -0.86
N GLN C 112 16.47 23.47 -1.56
CA GLN C 112 17.85 23.02 -1.52
C GLN C 112 18.42 23.11 -0.12
N GLU C 113 18.04 24.15 0.61
CA GLU C 113 18.46 24.33 1.98
C GLU C 113 18.09 23.13 2.80
N ARG C 114 16.82 22.75 2.70
CA ARG C 114 16.32 21.63 3.45
C ARG C 114 16.93 20.32 2.96
N GLN C 115 17.20 20.23 1.66
CA GLN C 115 17.86 19.07 1.10
C GLN C 115 19.19 18.89 1.77
N LEU C 116 19.94 19.97 1.89
CA LEU C 116 21.22 19.95 2.55
C LEU C 116 21.07 19.55 3.99
N LYS C 117 20.10 20.13 4.68
CA LYS C 117 19.86 19.80 6.07
C LYS C 117 19.60 18.31 6.24
N ASN C 118 18.91 17.72 5.28
CA ASN C 118 18.65 16.30 5.30
C ASN C 118 19.93 15.52 5.08
N LYS C 119 20.80 16.04 4.21
CA LYS C 119 22.08 15.43 3.94
C LYS C 119 22.99 15.49 5.16
N LYS C 120 22.89 16.59 5.90
CA LYS C 120 23.68 16.78 7.09
C LYS C 120 23.13 15.96 8.23
N GLN C 121 21.82 15.77 8.23
CA GLN C 121 21.17 14.92 9.20
C GLN C 121 21.59 13.49 8.98
N THR C 122 21.65 13.09 7.70
CA THR C 122 22.06 11.76 7.33
C THR C 122 23.50 11.53 7.75
N GLU C 123 24.35 12.51 7.46
CA GLU C 123 25.74 12.46 7.86
C GLU C 123 25.87 12.27 9.35
N THR C 124 25.16 13.10 10.10
CA THR C 124 25.18 13.05 11.55
C THR C 124 24.85 11.67 12.07
N GLU C 125 23.83 11.06 11.51
CA GLU C 125 23.40 9.74 11.93
C GLU C 125 24.43 8.69 11.62
N MET C 126 25.14 8.85 10.50
CA MET C 126 26.21 7.93 10.17
C MET C 126 27.38 8.10 11.14
N LEU C 127 27.62 9.34 11.56
CA LEU C 127 28.66 9.64 12.52
C LEU C 127 28.32 9.10 13.91
N TYR C 128 27.03 9.13 14.23
CA TYR C 128 26.53 8.63 15.50
C TYR C 128 26.85 7.15 15.68
#